data_7Y0W
#
_entry.id   7Y0W
#
_cell.length_a   1.00
_cell.length_b   1.00
_cell.length_c   1.00
_cell.angle_alpha   90.00
_cell.angle_beta   90.00
_cell.angle_gamma   90.00
#
_symmetry.space_group_name_H-M   'P 1'
#
loop_
_entity.id
_entity.type
_entity.pdbx_description
1 polymer BD55-5514H
2 polymer BD55-5514L
3 polymer BD55-5840H
4 polymer BD55-5840L
5 polymer 'Spike protein S1'
6 branched 2-acetamido-2-deoxy-beta-D-glucopyranose-(1-4)-[alpha-L-fucopyranose-(1-6)]2-acetamido-2-deoxy-beta-D-glucopyranose
#
loop_
_entity_poly.entity_id
_entity_poly.type
_entity_poly.pdbx_seq_one_letter_code
_entity_poly.pdbx_strand_id
1 'polypeptide(L)'
;QVQLVQSGAEVKKPGSSVKVSCKASGGTFRSHVISWVRQAPGQGLEWMGGFIPLFGTTIYAQAFQGRVMISADESTSTAY
MELSSLRSEDTAVYFCARLFPNGDPNSPEDGFDIWGQGTLVTV
;
A
2 'polypeptide(L)'
;DIQMTQSPSSLSASVGDRVTITCQASQDIGNYLNWYQQKPGKAPKLLIYDASHLETGVPSRFSGSGSGTDFTFTISSLQP
EDIATYYCQRYDDLPSYTFGQGTKVEI
;
B
3 'polypeptide(L)'
;VQLAQSGSELRKPGASVKVSCDTSGHSFTSNAIHWVRQAPGQGLEWMGWINTDTGTPTYAQGFTGRFVFSLDTSARTAYL
QISSLKADDTAVFYCARERDYSDYFFDYWGQGTLVTVSS
;
H
4 'polypeptide(L)'
;EVVMTQSPASLSVSPGERATLSCRARASLGISTDLAWYQQRPGQAPRLLIYGASTRATGIPARFSGSGSGTEFTLTISSL
QSEDSAVYYCQQYSNWPLTFGGGTKVEIK
;
L
5 'polypeptide(L)'
;LCPFDEVFNATRFASVYAWNRKRISNCVADYSVLYNLAPFFTFKCYGVSPTKLNDLCFTNVYADSFVIRGDEVRQIAPGQ
TGNIADYNYKLPDDFTGCVIAWNSNKLDSKVSGNYNYLYRLFRKSNLKPFERDISTEIYQAGNKPCNGVAGFNCYFPLRS
YSFRPTYGVGHQPYRVVVLSFELLHAPATVCGK
;
R
#
# COMPACT_ATOMS: atom_id res chain seq x y z
N GLN A 1 -4.95 -25.98 10.34
CA GLN A 1 -6.35 -26.30 10.09
C GLN A 1 -7.26 -25.45 10.96
N VAL A 2 -7.46 -24.20 10.57
CA VAL A 2 -8.26 -23.26 11.35
C VAL A 2 -9.73 -23.54 11.08
N GLN A 3 -10.48 -23.76 12.15
CA GLN A 3 -11.92 -24.06 12.05
C GLN A 3 -12.66 -23.20 13.08
N LEU A 4 -13.36 -22.19 12.59
CA LEU A 4 -14.12 -21.31 13.47
C LEU A 4 -15.40 -22.01 13.91
N VAL A 5 -15.60 -22.10 15.23
CA VAL A 5 -16.80 -22.70 15.80
C VAL A 5 -17.48 -21.67 16.69
N GLN A 6 -18.78 -21.82 16.86
CA GLN A 6 -19.59 -20.84 17.57
C GLN A 6 -20.33 -21.48 18.74
N SER A 7 -21.23 -20.73 19.35
CA SER A 7 -21.95 -21.19 20.53
C SER A 7 -23.13 -22.07 20.16
N GLY A 8 -24.10 -21.51 19.47
CA GLY A 8 -25.31 -22.25 19.12
C GLY A 8 -26.50 -21.32 19.02
N ALA A 9 -27.60 -21.88 18.52
CA ALA A 9 -28.80 -21.09 18.25
C ALA A 9 -29.48 -20.67 19.55
N GLU A 10 -29.79 -19.38 19.65
CA GLU A 10 -30.35 -18.80 20.87
C GLU A 10 -31.69 -18.15 20.55
N VAL A 11 -32.74 -18.62 21.19
CA VAL A 11 -34.04 -17.96 21.13
C VAL A 11 -34.09 -16.89 22.21
N LYS A 12 -34.70 -15.75 21.88
CA LYS A 12 -34.71 -14.60 22.77
C LYS A 12 -36.07 -13.92 22.73
N LYS A 13 -36.19 -12.83 23.48
CA LYS A 13 -37.33 -11.95 23.50
C LYS A 13 -36.85 -10.52 23.24
N PRO A 14 -37.69 -9.67 22.65
CA PRO A 14 -37.24 -8.30 22.35
C PRO A 14 -36.94 -7.48 23.58
N GLY A 15 -35.96 -6.59 23.45
CA GLY A 15 -35.51 -5.75 24.52
C GLY A 15 -34.29 -6.28 25.26
N SER A 16 -34.01 -7.57 25.13
CA SER A 16 -32.88 -8.18 25.83
C SER A 16 -31.60 -7.97 25.04
N SER A 17 -30.53 -8.65 25.44
CA SER A 17 -29.26 -8.60 24.75
C SER A 17 -28.72 -10.00 24.60
N VAL A 18 -28.01 -10.24 23.50
CA VAL A 18 -27.42 -11.53 23.21
C VAL A 18 -25.92 -11.36 23.03
N LYS A 19 -25.15 -12.28 23.61
CA LYS A 19 -23.71 -12.34 23.42
C LYS A 19 -23.39 -13.69 22.79
N VAL A 20 -22.78 -13.64 21.62
CA VAL A 20 -22.46 -14.84 20.84
C VAL A 20 -20.96 -14.90 20.62
N SER A 21 -20.39 -16.09 20.77
CA SER A 21 -18.95 -16.28 20.75
C SER A 21 -18.51 -16.94 19.45
N CYS A 22 -17.21 -16.91 19.20
CA CYS A 22 -16.63 -17.56 18.02
C CYS A 22 -15.22 -18.00 18.38
N LYS A 23 -15.09 -19.26 18.77
CA LYS A 23 -13.81 -19.81 19.22
C LYS A 23 -13.02 -20.32 18.03
N ALA A 24 -11.95 -19.61 17.67
CA ALA A 24 -11.09 -20.04 16.59
C ALA A 24 -10.24 -21.23 17.03
N SER A 25 -9.95 -22.11 16.08
CA SER A 25 -9.15 -23.31 16.34
C SER A 25 -7.75 -23.07 15.79
N GLY A 26 -6.84 -22.66 16.66
CA GLY A 26 -5.47 -22.44 16.27
C GLY A 26 -4.82 -21.38 17.16
N GLY A 27 -3.51 -21.28 17.02
CA GLY A 27 -2.71 -20.33 17.77
C GLY A 27 -2.48 -19.01 17.08
N THR A 28 -3.18 -18.73 15.98
CA THR A 28 -3.00 -17.51 15.19
C THR A 28 -4.25 -16.65 15.24
N PHE A 29 -4.85 -16.52 16.41
CA PHE A 29 -6.00 -15.62 16.56
C PHE A 29 -5.58 -14.16 16.46
N ARG A 30 -4.37 -13.84 16.90
CA ARG A 30 -3.94 -12.45 16.98
C ARG A 30 -3.71 -11.85 15.60
N SER A 31 -3.34 -12.66 14.62
CA SER A 31 -2.91 -12.14 13.32
C SER A 31 -4.09 -11.61 12.51
N HIS A 32 -5.21 -12.32 12.52
CA HIS A 32 -6.30 -12.05 11.58
C HIS A 32 -7.43 -11.29 12.26
N VAL A 33 -7.95 -10.27 11.56
CA VAL A 33 -9.14 -9.57 12.02
C VAL A 33 -10.34 -10.51 11.91
N ILE A 34 -11.16 -10.54 12.94
CA ILE A 34 -12.37 -11.36 12.95
C ILE A 34 -13.57 -10.43 12.86
N SER A 35 -14.49 -10.74 11.96
CA SER A 35 -15.58 -9.85 11.64
C SER A 35 -16.89 -10.63 11.62
N TRP A 36 -17.98 -9.96 11.96
CA TRP A 36 -19.26 -10.62 12.16
C TRP A 36 -20.22 -10.21 11.06
N VAL A 37 -20.84 -11.21 10.42
CA VAL A 37 -21.79 -11.00 9.33
C VAL A 37 -23.11 -11.63 9.72
N ARG A 38 -24.19 -10.87 9.61
CA ARG A 38 -25.53 -11.40 9.85
C ARG A 38 -26.27 -11.55 8.53
N GLN A 39 -27.14 -12.54 8.45
CA GLN A 39 -28.00 -12.74 7.29
C GLN A 39 -29.42 -12.95 7.76
N ALA A 40 -30.33 -12.09 7.32
CA ALA A 40 -31.75 -12.31 7.53
C ALA A 40 -32.19 -13.57 6.78
N PRO A 41 -33.19 -14.30 7.28
CA PRO A 41 -33.49 -15.63 6.72
C PRO A 41 -33.97 -15.64 5.27
N GLY A 42 -34.41 -14.50 4.74
CA GLY A 42 -34.76 -14.44 3.33
C GLY A 42 -33.89 -13.45 2.56
N GLN A 43 -33.24 -12.55 3.27
CA GLN A 43 -32.47 -11.49 2.64
C GLN A 43 -30.99 -11.88 2.53
N GLY A 44 -30.20 -10.97 1.96
CA GLY A 44 -28.79 -11.20 1.76
C GLY A 44 -27.97 -10.90 3.00
N LEU A 45 -26.66 -11.10 2.86
CA LEU A 45 -25.76 -10.89 3.98
C LEU A 45 -25.60 -9.41 4.27
N GLU A 46 -25.20 -9.11 5.51
CA GLU A 46 -24.97 -7.74 5.93
C GLU A 46 -23.82 -7.73 6.92
N TRP A 47 -22.87 -6.82 6.71
CA TRP A 47 -21.73 -6.69 7.60
C TRP A 47 -22.11 -5.92 8.86
N MET A 48 -21.57 -6.34 10.00
CA MET A 48 -21.91 -5.73 11.28
C MET A 48 -20.72 -5.00 11.89
N GLY A 49 -19.62 -5.69 12.12
CA GLY A 49 -18.48 -5.07 12.77
C GLY A 49 -17.28 -5.99 12.70
N GLY A 50 -16.18 -5.51 13.27
CA GLY A 50 -14.96 -6.29 13.27
C GLY A 50 -14.06 -5.86 14.40
N PHE A 51 -13.21 -6.79 14.85
CA PHE A 51 -12.26 -6.56 15.92
C PHE A 51 -10.88 -6.96 15.42
N ILE A 52 -9.96 -6.00 15.39
CA ILE A 52 -8.57 -6.27 15.02
C ILE A 52 -7.82 -6.68 16.29
N PRO A 53 -7.35 -7.93 16.39
CA PRO A 53 -6.66 -8.36 17.62
C PRO A 53 -5.25 -7.83 17.76
N LEU A 54 -4.72 -7.13 16.75
CA LEU A 54 -3.41 -6.53 16.87
C LEU A 54 -3.41 -5.38 17.86
N PHE A 55 -4.39 -4.47 17.73
CA PHE A 55 -4.42 -3.26 18.52
C PHE A 55 -5.72 -3.07 19.29
N GLY A 56 -6.68 -3.96 19.12
CA GLY A 56 -7.92 -3.89 19.87
C GLY A 56 -8.93 -2.90 19.34
N THR A 57 -8.64 -2.19 18.26
CA THR A 57 -9.59 -1.24 17.71
C THR A 57 -10.72 -1.97 17.00
N THR A 58 -11.87 -1.32 16.93
CA THR A 58 -13.05 -1.89 16.30
C THR A 58 -13.57 -0.96 15.21
N ILE A 59 -14.11 -1.54 14.15
CA ILE A 59 -14.79 -0.83 13.09
C ILE A 59 -16.20 -1.38 13.02
N TYR A 60 -17.20 -0.49 13.07
CA TYR A 60 -18.59 -0.89 13.13
C TYR A 60 -19.34 -0.33 11.93
N ALA A 61 -20.37 -1.06 11.50
CA ALA A 61 -21.23 -0.58 10.44
C ALA A 61 -22.10 0.56 10.95
N GLN A 62 -22.41 1.50 10.04
CA GLN A 62 -23.15 2.69 10.43
C GLN A 62 -24.62 2.43 10.69
N ALA A 63 -25.13 1.24 10.37
CA ALA A 63 -26.47 0.86 10.76
C ALA A 63 -26.49 0.19 12.14
N PHE A 64 -25.36 -0.40 12.55
CA PHE A 64 -25.24 -1.01 13.87
C PHE A 64 -24.31 -0.21 14.77
N GLN A 65 -24.13 1.07 14.50
CA GLN A 65 -23.24 1.90 15.29
C GLN A 65 -23.89 2.23 16.63
N GLY A 66 -23.26 1.81 17.72
CA GLY A 66 -23.77 2.04 19.05
C GLY A 66 -24.70 0.96 19.56
N ARG A 67 -25.11 0.03 18.72
CA ARG A 67 -25.96 -1.08 19.14
C ARG A 67 -25.16 -2.33 19.49
N VAL A 68 -24.15 -2.66 18.69
CA VAL A 68 -23.38 -3.87 18.89
C VAL A 68 -22.11 -3.53 19.65
N MET A 69 -21.47 -4.56 20.20
CA MET A 69 -20.22 -4.41 20.93
C MET A 69 -19.41 -5.69 20.73
N ILE A 70 -18.26 -5.58 20.09
CA ILE A 70 -17.43 -6.73 19.75
C ILE A 70 -16.15 -6.67 20.57
N SER A 71 -15.91 -7.73 21.35
CA SER A 71 -14.69 -7.88 22.13
C SER A 71 -14.14 -9.27 21.89
N ALA A 72 -13.04 -9.60 22.57
CA ALA A 72 -12.38 -10.88 22.35
C ALA A 72 -11.62 -11.29 23.59
N ASP A 73 -11.33 -12.59 23.67
CA ASP A 73 -10.49 -13.18 24.72
C ASP A 73 -9.33 -13.86 24.02
N GLU A 74 -8.18 -13.20 23.99
CA GLU A 74 -7.04 -13.69 23.22
C GLU A 74 -6.40 -14.92 23.86
N SER A 75 -6.58 -15.13 25.16
CA SER A 75 -5.99 -16.27 25.85
C SER A 75 -6.70 -17.58 25.55
N THR A 76 -7.88 -17.54 24.92
CA THR A 76 -8.59 -18.75 24.52
C THR A 76 -9.04 -18.70 23.07
N SER A 77 -8.66 -17.65 22.33
CA SER A 77 -8.96 -17.46 20.91
C SER A 77 -10.46 -17.45 20.63
N THR A 78 -11.17 -16.56 21.31
CA THR A 78 -12.63 -16.50 21.20
C THR A 78 -13.06 -15.05 21.14
N ALA A 79 -13.82 -14.70 20.11
CA ALA A 79 -14.30 -13.33 19.91
C ALA A 79 -15.78 -13.26 20.22
N TYR A 80 -16.17 -12.31 21.05
CA TYR A 80 -17.54 -12.18 21.54
C TYR A 80 -18.19 -10.98 20.91
N MET A 81 -19.38 -11.17 20.36
CA MET A 81 -20.19 -10.08 19.82
C MET A 81 -21.40 -9.89 20.73
N GLU A 82 -21.47 -8.74 21.39
CA GLU A 82 -22.52 -8.46 22.37
C GLU A 82 -23.55 -7.56 21.71
N LEU A 83 -24.52 -8.17 21.03
CA LEU A 83 -25.63 -7.43 20.45
C LEU A 83 -26.63 -7.09 21.53
N SER A 84 -27.04 -5.82 21.60
CA SER A 84 -27.97 -5.35 22.60
C SER A 84 -29.21 -4.79 21.94
N SER A 85 -30.29 -4.73 22.72
CA SER A 85 -31.60 -4.20 22.30
C SER A 85 -32.16 -4.96 21.09
N LEU A 86 -32.42 -6.25 21.29
CA LEU A 86 -32.99 -7.08 20.24
C LEU A 86 -34.40 -6.64 19.90
N ARG A 87 -34.75 -6.79 18.63
CA ARG A 87 -36.06 -6.38 18.12
C ARG A 87 -36.56 -7.48 17.19
N SER A 88 -37.75 -7.28 16.61
CA SER A 88 -38.27 -8.24 15.64
C SER A 88 -37.46 -8.23 14.36
N GLU A 89 -36.94 -7.07 13.97
CA GLU A 89 -36.15 -6.95 12.76
C GLU A 89 -34.79 -7.63 12.89
N ASP A 90 -34.28 -7.80 14.11
CA ASP A 90 -32.97 -8.41 14.34
C ASP A 90 -33.06 -9.92 14.52
N THR A 91 -33.71 -10.59 13.57
CA THR A 91 -33.77 -12.05 13.52
C THR A 91 -32.90 -12.49 12.35
N ALA A 92 -31.77 -13.12 12.64
CA ALA A 92 -30.80 -13.38 11.60
C ALA A 92 -29.93 -14.57 11.97
N VAL A 93 -29.23 -15.08 10.97
CA VAL A 93 -28.17 -16.07 11.16
C VAL A 93 -26.86 -15.29 11.26
N TYR A 94 -26.22 -15.33 12.42
CA TYR A 94 -25.08 -14.48 12.71
C TYR A 94 -23.80 -15.29 12.52
N PHE A 95 -23.08 -15.00 11.43
CA PHE A 95 -21.81 -15.65 11.15
C PHE A 95 -20.67 -14.87 11.77
N CYS A 96 -19.67 -15.59 12.26
CA CYS A 96 -18.36 -15.01 12.50
C CYS A 96 -17.48 -15.38 11.33
N ALA A 97 -16.70 -14.42 10.85
CA ALA A 97 -15.96 -14.66 9.62
C ALA A 97 -14.60 -14.00 9.70
N ARG A 98 -13.63 -14.65 9.07
CA ARG A 98 -12.36 -14.03 8.77
C ARG A 98 -12.40 -13.65 7.29
N LEU A 99 -12.98 -12.48 7.02
CA LEU A 99 -13.22 -12.02 5.66
C LEU A 99 -11.92 -11.74 4.94
N PHE A 100 -12.00 -11.68 3.61
CA PHE A 100 -10.98 -12.19 2.66
C PHE A 100 -9.52 -12.01 3.05
N PRO A 101 -9.01 -10.82 3.41
CA PRO A 101 -7.57 -10.86 3.73
C PRO A 101 -7.30 -11.36 5.14
N ASN A 102 -7.44 -12.67 5.32
CA ASN A 102 -7.02 -13.36 6.53
C ASN A 102 -6.38 -14.70 6.18
N GLY A 103 -5.75 -14.76 5.02
CA GLY A 103 -4.85 -15.87 4.74
C GLY A 103 -3.53 -15.68 5.43
N ASP A 104 -2.73 -16.75 5.42
CA ASP A 104 -1.40 -16.71 6.02
C ASP A 104 -0.45 -17.53 5.16
N PRO A 105 0.84 -17.17 5.13
CA PRO A 105 1.79 -17.96 4.35
C PRO A 105 1.98 -19.38 4.89
N ASN A 106 1.89 -19.56 6.19
CA ASN A 106 1.96 -20.90 6.77
C ASN A 106 0.62 -21.60 6.60
N SER A 107 0.68 -22.87 6.19
CA SER A 107 -0.46 -23.70 5.79
C SER A 107 -1.38 -23.05 4.75
N PRO A 108 -1.01 -22.99 3.47
CA PRO A 108 -1.95 -22.43 2.47
C PRO A 108 -3.19 -23.28 2.20
N GLU A 109 -3.33 -24.46 2.81
CA GLU A 109 -4.47 -25.32 2.53
C GLU A 109 -5.77 -24.71 3.04
N ASP A 110 -5.72 -23.98 4.15
CA ASP A 110 -6.82 -23.11 4.53
C ASP A 110 -6.79 -21.88 3.66
N GLY A 111 -7.95 -21.50 3.12
CA GLY A 111 -8.01 -20.44 2.13
C GLY A 111 -7.81 -19.07 2.76
N PHE A 112 -7.88 -18.06 1.89
CA PHE A 112 -7.74 -16.68 2.36
C PHE A 112 -8.92 -16.27 3.23
N ASP A 113 -10.13 -16.70 2.86
CA ASP A 113 -11.35 -16.34 3.56
C ASP A 113 -11.86 -17.56 4.33
N ILE A 114 -12.11 -17.36 5.63
CA ILE A 114 -12.59 -18.42 6.51
C ILE A 114 -13.86 -17.92 7.20
N TRP A 115 -14.92 -18.70 7.14
CA TRP A 115 -16.18 -18.35 7.77
C TRP A 115 -16.48 -19.27 8.93
N GLY A 116 -17.57 -18.99 9.62
CA GLY A 116 -18.07 -19.82 10.70
C GLY A 116 -19.11 -20.79 10.21
N GLN A 117 -20.02 -21.16 11.11
CA GLN A 117 -21.13 -22.03 10.76
C GLN A 117 -22.49 -21.36 10.89
N GLY A 118 -22.57 -20.23 11.57
CA GLY A 118 -23.83 -19.53 11.71
C GLY A 118 -24.55 -19.78 13.01
N THR A 119 -24.98 -18.72 13.67
CA THR A 119 -25.77 -18.78 14.88
C THR A 119 -27.13 -18.18 14.58
N LEU A 120 -28.18 -18.97 14.75
CA LEU A 120 -29.55 -18.52 14.47
C LEU A 120 -30.11 -17.87 15.72
N VAL A 121 -30.24 -16.55 15.69
CA VAL A 121 -30.80 -15.79 16.81
C VAL A 121 -32.25 -15.47 16.47
N THR A 122 -33.16 -15.97 17.29
CA THR A 122 -34.59 -15.83 17.05
C THR A 122 -35.21 -15.04 18.20
N VAL A 123 -36.04 -14.05 17.86
CA VAL A 123 -36.73 -13.28 18.87
C VAL A 123 -38.19 -13.69 18.93
N ASP B 1 -21.93 6.99 2.78
CA ASP B 1 -21.19 5.74 2.68
C ASP B 1 -21.42 5.12 1.30
N ILE B 2 -20.67 4.06 0.99
CA ILE B 2 -20.75 3.41 -0.30
C ILE B 2 -21.79 2.31 -0.24
N GLN B 3 -22.83 2.42 -1.08
CA GLN B 3 -23.80 1.36 -1.27
C GLN B 3 -23.69 0.87 -2.72
N MET B 4 -23.79 -0.44 -2.90
CA MET B 4 -23.49 -1.05 -4.19
C MET B 4 -24.70 -1.88 -4.64
N THR B 5 -25.22 -1.55 -5.82
CA THR B 5 -26.47 -2.11 -6.32
C THR B 5 -26.15 -3.22 -7.31
N GLN B 6 -26.21 -4.46 -6.83
CA GLN B 6 -25.93 -5.62 -7.67
C GLN B 6 -27.20 -6.05 -8.40
N SER B 7 -27.12 -6.16 -9.72
CA SER B 7 -28.26 -6.50 -10.56
C SER B 7 -27.82 -7.46 -11.65
N PRO B 8 -28.70 -8.37 -12.09
CA PRO B 8 -30.06 -8.67 -11.65
C PRO B 8 -30.11 -9.48 -10.36
N SER B 9 -31.14 -9.27 -9.55
CA SER B 9 -31.24 -9.95 -8.27
C SER B 9 -31.78 -11.37 -8.39
N SER B 10 -32.38 -11.73 -9.54
CA SER B 10 -32.93 -13.06 -9.72
C SER B 10 -32.96 -13.35 -11.22
N LEU B 11 -32.01 -14.17 -11.68
CA LEU B 11 -32.00 -14.64 -13.06
C LEU B 11 -32.26 -16.13 -13.09
N SER B 12 -32.27 -16.69 -14.30
CA SER B 12 -32.51 -18.10 -14.50
C SER B 12 -31.86 -18.54 -15.80
N ALA B 13 -31.11 -19.63 -15.75
CA ALA B 13 -30.42 -20.12 -16.95
C ALA B 13 -30.32 -21.63 -16.88
N SER B 14 -30.21 -22.24 -18.06
CA SER B 14 -30.09 -23.69 -18.16
C SER B 14 -28.63 -24.11 -18.00
N VAL B 15 -28.40 -25.42 -18.03
CA VAL B 15 -27.05 -25.95 -17.93
C VAL B 15 -26.28 -25.70 -19.22
N GLY B 16 -25.00 -25.40 -19.09
CA GLY B 16 -24.19 -25.08 -20.25
C GLY B 16 -24.38 -23.67 -20.78
N ASP B 17 -25.06 -22.81 -20.05
CA ASP B 17 -25.31 -21.44 -20.49
C ASP B 17 -24.25 -20.49 -19.94
N ARG B 18 -24.41 -19.20 -20.23
CA ARG B 18 -23.53 -18.16 -19.70
C ARG B 18 -24.33 -17.27 -18.76
N VAL B 19 -23.78 -17.05 -17.57
CA VAL B 19 -24.42 -16.25 -16.53
C VAL B 19 -23.55 -15.03 -16.27
N THR B 20 -24.14 -13.85 -16.41
CA THR B 20 -23.45 -12.59 -16.17
C THR B 20 -24.15 -11.86 -15.03
N ILE B 21 -23.39 -11.56 -13.98
CA ILE B 21 -23.89 -10.86 -12.81
C ILE B 21 -23.10 -9.56 -12.68
N THR B 22 -23.80 -8.45 -12.49
CA THR B 22 -23.19 -7.13 -12.48
C THR B 22 -23.34 -6.48 -11.11
N CYS B 23 -22.23 -5.97 -10.57
CA CYS B 23 -22.23 -5.24 -9.31
C CYS B 23 -21.73 -3.83 -9.56
N GLN B 24 -22.59 -2.84 -9.30
CA GLN B 24 -22.27 -1.44 -9.53
C GLN B 24 -22.12 -0.71 -8.22
N ALA B 25 -20.95 -0.14 -7.97
CA ALA B 25 -20.73 0.66 -6.78
C ALA B 25 -21.27 2.08 -6.98
N SER B 26 -21.22 2.87 -5.92
CA SER B 26 -21.68 4.25 -5.99
C SER B 26 -20.56 5.25 -6.24
N GLN B 27 -19.31 4.89 -5.96
CA GLN B 27 -18.17 5.73 -6.26
C GLN B 27 -16.98 4.82 -6.55
N ASP B 28 -15.83 5.42 -6.80
CA ASP B 28 -14.66 4.66 -7.22
C ASP B 28 -14.06 3.89 -6.04
N ILE B 29 -13.89 2.58 -6.22
CA ILE B 29 -13.28 1.73 -5.21
C ILE B 29 -12.05 1.00 -5.73
N GLY B 30 -11.75 1.08 -7.02
CA GLY B 30 -10.64 0.32 -7.56
C GLY B 30 -10.97 -1.16 -7.64
N ASN B 31 -9.93 -1.99 -7.62
CA ASN B 31 -10.08 -3.43 -7.74
C ASN B 31 -10.62 -4.09 -6.47
N TYR B 32 -10.95 -3.32 -5.44
CA TYR B 32 -11.39 -3.82 -4.14
C TYR B 32 -12.80 -4.40 -4.23
N LEU B 33 -12.90 -5.60 -4.77
CA LEU B 33 -14.19 -6.29 -4.78
C LEU B 33 -13.93 -7.79 -4.71
N ASN B 34 -14.72 -8.49 -3.90
CA ASN B 34 -14.66 -9.94 -3.82
C ASN B 34 -16.04 -10.50 -4.15
N TRP B 35 -16.07 -11.69 -4.75
CA TRP B 35 -17.31 -12.32 -5.18
C TRP B 35 -17.53 -13.60 -4.41
N TYR B 36 -18.72 -13.76 -3.84
CA TYR B 36 -19.05 -14.88 -2.98
C TYR B 36 -20.10 -15.77 -3.62
N GLN B 37 -20.31 -16.92 -2.99
CA GLN B 37 -21.32 -17.89 -3.41
C GLN B 37 -21.91 -18.51 -2.16
N GLN B 38 -23.20 -18.31 -1.94
CA GLN B 38 -23.89 -18.90 -0.80
C GLN B 38 -24.91 -19.91 -1.30
N LYS B 39 -24.54 -21.18 -1.25
CA LYS B 39 -25.53 -22.23 -1.42
C LYS B 39 -26.41 -22.26 -0.18
N PRO B 40 -27.70 -22.56 -0.33
CA PRO B 40 -28.62 -22.42 0.80
C PRO B 40 -28.38 -23.41 1.92
N GLY B 41 -28.43 -22.92 3.15
CA GLY B 41 -28.16 -23.72 4.32
C GLY B 41 -26.72 -23.83 4.73
N LYS B 42 -25.81 -23.07 4.11
CA LYS B 42 -24.39 -23.20 4.38
C LYS B 42 -23.75 -21.82 4.42
N ALA B 43 -22.50 -21.79 4.89
CA ALA B 43 -21.72 -20.57 4.93
C ALA B 43 -21.26 -20.20 3.52
N PRO B 44 -21.13 -18.90 3.23
CA PRO B 44 -20.66 -18.48 1.91
C PRO B 44 -19.21 -18.88 1.65
N LYS B 45 -18.90 -19.09 0.38
CA LYS B 45 -17.57 -19.44 -0.07
C LYS B 45 -17.07 -18.35 -1.01
N LEU B 46 -15.75 -18.14 -1.02
CA LEU B 46 -15.12 -17.13 -1.85
C LEU B 46 -14.69 -17.73 -3.19
N LEU B 47 -14.99 -17.02 -4.27
CA LEU B 47 -14.57 -17.44 -5.60
C LEU B 47 -13.59 -16.47 -6.23
N ILE B 48 -13.95 -15.20 -6.35
CA ILE B 48 -13.13 -14.17 -6.99
C ILE B 48 -12.67 -13.21 -5.91
N TYR B 49 -11.38 -12.90 -5.88
CA TYR B 49 -10.89 -11.85 -5.00
C TYR B 49 -10.13 -10.81 -5.82
N ASP B 50 -10.20 -9.56 -5.35
CA ASP B 50 -9.71 -8.37 -6.06
C ASP B 50 -10.29 -8.26 -7.46
N ALA B 51 -11.54 -8.69 -7.63
CA ALA B 51 -12.41 -8.50 -8.79
C ALA B 51 -11.95 -9.21 -10.06
N SER B 52 -10.77 -9.83 -10.06
CA SER B 52 -10.31 -10.57 -11.23
C SER B 52 -9.69 -11.93 -10.93
N HIS B 53 -9.11 -12.14 -9.76
CA HIS B 53 -8.31 -13.33 -9.50
C HIS B 53 -9.21 -14.52 -9.16
N LEU B 54 -8.60 -15.68 -8.97
CA LEU B 54 -9.32 -16.92 -8.74
C LEU B 54 -8.84 -17.57 -7.44
N GLU B 55 -9.79 -17.98 -6.62
CA GLU B 55 -9.48 -18.70 -5.39
C GLU B 55 -8.96 -20.10 -5.71
N THR B 56 -8.02 -20.57 -4.89
CA THR B 56 -7.46 -21.90 -5.07
C THR B 56 -8.51 -22.97 -4.77
N GLY B 57 -8.62 -23.94 -5.68
CA GLY B 57 -9.64 -24.96 -5.59
C GLY B 57 -10.92 -24.64 -6.33
N VAL B 58 -11.13 -23.37 -6.68
CA VAL B 58 -12.31 -22.97 -7.45
C VAL B 58 -12.05 -23.28 -8.93
N PRO B 59 -12.97 -23.96 -9.62
CA PRO B 59 -12.78 -24.24 -11.04
C PRO B 59 -12.78 -22.96 -11.87
N SER B 60 -12.12 -23.02 -13.02
CA SER B 60 -11.84 -21.86 -13.84
C SER B 60 -13.04 -21.37 -14.67
N ARG B 61 -14.25 -21.85 -14.37
CA ARG B 61 -15.43 -21.35 -15.07
C ARG B 61 -15.77 -19.93 -14.65
N PHE B 62 -15.53 -19.58 -13.40
CA PHE B 62 -15.81 -18.24 -12.91
C PHE B 62 -14.69 -17.28 -13.28
N SER B 63 -15.06 -16.04 -13.61
CA SER B 63 -14.08 -15.02 -13.99
C SER B 63 -14.72 -13.64 -13.79
N GLY B 64 -14.13 -12.85 -12.91
CA GLY B 64 -14.60 -11.49 -12.70
C GLY B 64 -13.94 -10.49 -13.64
N SER B 65 -14.43 -9.26 -13.60
CA SER B 65 -13.92 -8.18 -14.44
C SER B 65 -14.34 -6.85 -13.83
N GLY B 66 -13.83 -5.77 -14.40
CA GLY B 66 -14.19 -4.42 -14.02
C GLY B 66 -13.25 -3.83 -12.99
N SER B 67 -13.01 -2.52 -13.10
CA SER B 67 -12.19 -1.85 -12.10
C SER B 67 -12.88 -0.66 -11.42
N GLY B 68 -13.45 0.25 -12.20
CA GLY B 68 -13.89 1.51 -11.62
C GLY B 68 -15.11 1.45 -10.73
N THR B 69 -16.29 1.30 -11.33
CA THR B 69 -17.52 1.06 -10.60
C THR B 69 -18.31 -0.12 -11.18
N ASP B 70 -18.25 -0.34 -12.49
CA ASP B 70 -18.99 -1.40 -13.16
C ASP B 70 -18.13 -2.66 -13.15
N PHE B 71 -18.47 -3.58 -12.26
CA PHE B 71 -17.83 -4.89 -12.20
C PHE B 71 -18.76 -5.91 -12.86
N THR B 72 -18.26 -7.13 -13.03
CA THR B 72 -19.01 -8.13 -13.77
C THR B 72 -18.56 -9.51 -13.33
N PHE B 73 -19.50 -10.34 -12.89
CA PHE B 73 -19.26 -11.73 -12.55
C PHE B 73 -19.73 -12.61 -13.71
N THR B 74 -18.85 -13.47 -14.20
CA THR B 74 -19.16 -14.33 -15.34
C THR B 74 -18.97 -15.78 -14.95
N ILE B 75 -19.96 -16.61 -15.24
CA ILE B 75 -19.82 -18.06 -15.20
C ILE B 75 -19.78 -18.56 -16.63
N SER B 76 -18.78 -19.39 -16.95
CA SER B 76 -18.59 -19.84 -18.33
C SER B 76 -19.66 -20.82 -18.75
N SER B 77 -19.76 -21.95 -18.05
CA SER B 77 -20.80 -22.94 -18.29
C SER B 77 -21.49 -23.24 -16.98
N LEU B 78 -22.81 -23.05 -16.95
CA LEU B 78 -23.57 -23.32 -15.74
C LEU B 78 -23.65 -24.82 -15.47
N GLN B 79 -23.64 -25.17 -14.20
CA GLN B 79 -23.63 -26.54 -13.72
C GLN B 79 -24.72 -26.70 -12.68
N PRO B 80 -25.18 -27.93 -12.42
CA PRO B 80 -26.19 -28.12 -11.36
C PRO B 80 -25.69 -27.81 -9.95
N GLU B 81 -24.39 -27.76 -9.71
CA GLU B 81 -23.86 -27.39 -8.40
C GLU B 81 -23.59 -25.90 -8.26
N ASP B 82 -24.09 -25.08 -9.18
CA ASP B 82 -23.95 -23.63 -9.07
C ASP B 82 -25.28 -22.94 -8.85
N ILE B 83 -26.29 -23.66 -8.37
CA ILE B 83 -27.56 -23.06 -8.00
C ILE B 83 -27.37 -22.48 -6.60
N ALA B 84 -27.12 -21.17 -6.52
CA ALA B 84 -26.80 -20.52 -5.26
C ALA B 84 -27.12 -19.04 -5.38
N THR B 85 -26.65 -18.26 -4.41
CA THR B 85 -26.80 -16.81 -4.40
C THR B 85 -25.42 -16.18 -4.31
N TYR B 86 -25.16 -15.18 -5.16
CA TYR B 86 -23.82 -14.64 -5.36
C TYR B 86 -23.76 -13.20 -4.86
N TYR B 87 -22.83 -12.91 -3.95
CA TYR B 87 -22.70 -11.61 -3.33
C TYR B 87 -21.36 -10.97 -3.68
N CYS B 88 -21.41 -9.67 -3.99
CA CYS B 88 -20.22 -8.87 -4.24
C CYS B 88 -19.86 -8.07 -2.98
N GLN B 89 -18.59 -8.17 -2.55
CA GLN B 89 -18.15 -7.64 -1.26
C GLN B 89 -17.05 -6.61 -1.44
N ARG B 90 -17.19 -5.48 -0.75
CA ARG B 90 -16.32 -4.31 -0.91
C ARG B 90 -15.29 -4.23 0.21
N TYR B 91 -14.17 -4.92 0.02
CA TYR B 91 -13.04 -4.82 0.94
C TYR B 91 -12.43 -3.42 0.91
N ASP B 92 -12.02 -2.94 2.09
CA ASP B 92 -11.23 -1.71 2.22
C ASP B 92 -10.03 -1.96 3.12
N ASP B 93 -9.01 -1.10 2.96
CA ASP B 93 -7.74 -1.28 3.67
C ASP B 93 -7.90 -1.15 5.18
N LEU B 94 -8.71 -0.20 5.63
CA LEU B 94 -9.31 -0.32 6.95
C LEU B 94 -10.47 -1.31 6.83
N PRO B 95 -10.52 -2.36 7.64
CA PRO B 95 -11.39 -3.50 7.33
C PRO B 95 -12.89 -3.22 7.46
N SER B 96 -13.44 -2.57 6.43
CA SER B 96 -14.87 -2.31 6.33
C SER B 96 -15.38 -2.94 5.04
N TYR B 97 -16.37 -3.81 5.16
CA TYR B 97 -16.90 -4.57 4.04
C TYR B 97 -18.35 -4.23 3.81
N THR B 98 -18.78 -4.26 2.56
CA THR B 98 -20.17 -4.02 2.19
C THR B 98 -20.58 -5.08 1.18
N PHE B 99 -21.59 -5.87 1.53
CA PHE B 99 -22.04 -6.94 0.67
C PHE B 99 -23.04 -6.41 -0.35
N GLY B 100 -23.60 -7.31 -1.15
CA GLY B 100 -24.54 -6.96 -2.18
C GLY B 100 -25.91 -7.58 -1.92
N GLN B 101 -26.87 -7.19 -2.78
CA GLN B 101 -28.22 -7.71 -2.66
C GLN B 101 -28.33 -9.19 -3.01
N GLY B 102 -27.41 -9.70 -3.81
CA GLY B 102 -27.42 -11.11 -4.14
C GLY B 102 -28.13 -11.38 -5.45
N THR B 103 -27.73 -12.46 -6.10
CA THR B 103 -28.31 -12.90 -7.37
C THR B 103 -28.58 -14.39 -7.26
N LYS B 104 -29.85 -14.78 -7.28
CA LYS B 104 -30.21 -16.18 -7.20
C LYS B 104 -30.27 -16.77 -8.60
N VAL B 105 -29.41 -17.74 -8.86
CA VAL B 105 -29.34 -18.40 -10.16
C VAL B 105 -30.14 -19.69 -10.08
N GLU B 106 -31.15 -19.81 -10.93
CA GLU B 106 -32.05 -20.96 -10.93
C GLU B 106 -31.90 -21.75 -12.22
N ILE B 107 -31.92 -23.07 -12.09
CA ILE B 107 -31.75 -23.96 -13.24
C ILE B 107 -32.99 -23.97 -14.12
N VAL C 1 10.57 1.25 -24.86
CA VAL C 1 10.49 2.24 -23.79
C VAL C 1 9.41 3.28 -24.10
N GLN C 2 8.43 2.89 -24.90
CA GLN C 2 7.33 3.76 -25.27
C GLN C 2 6.01 3.13 -24.86
N LEU C 3 5.10 3.96 -24.35
CA LEU C 3 3.76 3.55 -23.96
C LEU C 3 2.75 4.32 -24.80
N ALA C 4 1.71 3.63 -25.24
CA ALA C 4 0.68 4.26 -26.06
C ALA C 4 -0.18 5.20 -25.20
N GLN C 5 -0.60 6.30 -25.81
CA GLN C 5 -1.45 7.27 -25.14
C GLN C 5 -2.49 7.80 -26.13
N SER C 6 -3.38 8.63 -25.63
CA SER C 6 -4.42 9.23 -26.45
C SER C 6 -3.86 10.40 -27.26
N GLY C 7 -4.67 10.88 -28.20
CA GLY C 7 -4.30 12.03 -29.00
C GLY C 7 -4.52 13.34 -28.25
N SER C 8 -4.36 14.43 -28.99
CA SER C 8 -4.60 15.74 -28.41
C SER C 8 -6.09 16.04 -28.36
N GLU C 9 -6.47 16.94 -27.45
CA GLU C 9 -7.84 17.43 -27.36
C GLU C 9 -7.81 18.96 -27.36
N LEU C 10 -8.62 19.56 -28.23
CA LEU C 10 -8.83 21.01 -28.21
C LEU C 10 -10.09 21.33 -27.41
N ARG C 11 -10.00 21.08 -26.12
CA ARG C 11 -11.14 21.20 -25.23
C ARG C 11 -11.46 22.66 -24.93
N LYS C 12 -12.53 22.87 -24.15
CA LYS C 12 -13.08 24.14 -23.76
C LYS C 12 -13.05 24.26 -22.24
N PRO C 13 -13.00 25.48 -21.69
CA PRO C 13 -13.00 25.64 -20.23
C PRO C 13 -14.31 25.16 -19.60
N GLY C 14 -14.21 24.68 -18.38
CA GLY C 14 -15.35 24.11 -17.69
C GLY C 14 -15.86 22.82 -18.31
N ALA C 15 -14.96 21.92 -18.69
CA ALA C 15 -15.31 20.65 -19.31
C ALA C 15 -14.50 19.54 -18.67
N SER C 16 -14.74 18.31 -19.12
CA SER C 16 -14.03 17.13 -18.64
C SER C 16 -13.34 16.44 -19.80
N VAL C 17 -12.12 15.97 -19.56
CA VAL C 17 -11.31 15.34 -20.59
C VAL C 17 -10.74 14.05 -20.02
N LYS C 18 -10.58 13.05 -20.88
CA LYS C 18 -10.06 11.74 -20.50
C LYS C 18 -8.74 11.48 -21.24
N VAL C 19 -7.77 10.96 -20.52
CA VAL C 19 -6.45 10.66 -21.06
C VAL C 19 -6.13 9.20 -20.76
N SER C 20 -5.80 8.43 -21.79
CA SER C 20 -5.50 7.02 -21.65
C SER C 20 -4.00 6.78 -21.64
N CYS C 21 -3.61 5.60 -21.15
CA CYS C 21 -2.22 5.17 -21.20
C CYS C 21 -2.21 3.63 -21.27
N ASP C 22 -2.13 3.11 -22.48
CA ASP C 22 -2.21 1.66 -22.70
C ASP C 22 -0.77 1.15 -22.63
N THR C 23 -0.40 0.59 -21.47
CA THR C 23 0.93 0.03 -21.26
C THR C 23 0.97 -1.48 -21.46
N SER C 24 0.06 -2.02 -22.28
CA SER C 24 -0.03 -3.46 -22.50
C SER C 24 0.96 -3.97 -23.56
N GLY C 25 2.01 -3.22 -23.87
CA GLY C 25 2.96 -3.64 -24.88
C GLY C 25 4.22 -4.31 -24.37
N HIS C 26 4.38 -4.44 -23.05
CA HIS C 26 5.60 -4.99 -22.48
C HIS C 26 5.24 -6.09 -21.49
N SER C 27 6.28 -6.68 -20.90
CA SER C 27 6.16 -7.62 -19.79
C SER C 27 6.80 -6.98 -18.57
N PHE C 28 6.08 -6.99 -17.44
CA PHE C 28 6.40 -6.12 -16.32
C PHE C 28 6.64 -6.91 -15.04
N THR C 29 7.18 -6.19 -14.06
CA THR C 29 7.33 -6.71 -12.71
C THR C 29 6.99 -5.67 -11.64
N SER C 30 6.55 -4.48 -12.02
CA SER C 30 6.13 -3.45 -11.07
C SER C 30 4.61 -3.39 -11.03
N ASN C 31 4.09 -2.47 -10.22
CA ASN C 31 2.64 -2.34 -10.07
C ASN C 31 2.19 -0.89 -10.03
N ALA C 32 3.01 0.05 -10.48
CA ALA C 32 2.69 1.46 -10.40
C ALA C 32 2.87 2.10 -11.75
N ILE C 33 1.96 2.99 -12.12
CA ILE C 33 2.01 3.71 -13.38
C ILE C 33 1.70 5.18 -13.10
N HIS C 34 2.75 5.99 -13.07
CA HIS C 34 2.72 7.36 -12.57
C HIS C 34 2.27 8.32 -13.66
N TRP C 35 1.90 9.54 -13.24
CA TRP C 35 1.44 10.57 -14.14
C TRP C 35 2.26 11.84 -13.92
N VAL C 36 2.70 12.46 -15.00
CA VAL C 36 3.59 13.62 -14.96
C VAL C 36 3.01 14.71 -15.85
N ARG C 37 2.86 15.92 -15.31
CA ARG C 37 2.35 17.06 -16.07
C ARG C 37 3.49 17.97 -16.46
N GLN C 38 3.55 18.35 -17.73
CA GLN C 38 4.49 19.34 -18.20
C GLN C 38 3.74 20.52 -18.81
N ALA C 39 4.11 21.72 -18.40
CA ALA C 39 3.59 22.94 -18.98
C ALA C 39 4.18 23.12 -20.40
N PRO C 40 3.60 23.98 -21.24
CA PRO C 40 4.17 24.14 -22.60
C PRO C 40 5.57 24.73 -22.64
N GLY C 41 6.04 25.38 -21.57
CA GLY C 41 7.38 25.91 -21.58
C GLY C 41 8.16 25.65 -20.30
N GLN C 42 7.54 25.04 -19.32
CA GLN C 42 8.15 24.86 -18.01
C GLN C 42 8.51 23.39 -17.80
N GLY C 43 8.99 23.08 -16.59
CA GLY C 43 9.52 21.77 -16.29
C GLY C 43 8.48 20.77 -15.87
N LEU C 44 8.94 19.53 -15.66
CA LEU C 44 8.05 18.43 -15.32
C LEU C 44 7.57 18.57 -13.87
N GLU C 45 6.33 18.13 -13.65
CA GLU C 45 5.71 18.11 -12.33
C GLU C 45 5.10 16.73 -12.14
N TRP C 46 5.39 16.12 -10.99
CA TRP C 46 4.87 14.78 -10.71
C TRP C 46 3.46 14.88 -10.19
N MET C 47 2.49 14.35 -10.94
CA MET C 47 1.10 14.47 -10.54
C MET C 47 0.73 13.45 -9.47
N GLY C 48 1.11 12.22 -9.69
CA GLY C 48 0.75 11.15 -8.78
C GLY C 48 0.73 9.83 -9.53
N TRP C 49 0.39 8.78 -8.81
CA TRP C 49 0.39 7.44 -9.38
C TRP C 49 -0.90 6.71 -9.07
N ILE C 50 -1.39 5.97 -10.05
CA ILE C 50 -2.43 4.99 -9.87
C ILE C 50 -1.77 3.63 -9.68
N ASN C 51 -2.24 2.88 -8.70
CA ASN C 51 -1.66 1.60 -8.35
C ASN C 51 -2.34 0.53 -9.17
N THR C 52 -1.59 -0.11 -10.08
CA THR C 52 -2.07 -1.25 -10.83
C THR C 52 -2.32 -2.40 -9.85
N ASP C 53 -3.32 -3.22 -10.18
CA ASP C 53 -3.81 -4.43 -9.52
C ASP C 53 -4.37 -4.19 -8.11
N THR C 54 -4.50 -2.94 -7.69
CA THR C 54 -5.38 -2.61 -6.57
C THR C 54 -6.16 -1.32 -6.77
N GLY C 55 -5.90 -0.56 -7.84
CA GLY C 55 -6.74 0.54 -8.25
C GLY C 55 -6.77 1.76 -7.35
N THR C 56 -5.85 1.88 -6.39
CA THR C 56 -5.90 2.99 -5.45
C THR C 56 -4.98 4.12 -5.88
N PRO C 57 -5.49 5.32 -6.14
CA PRO C 57 -4.64 6.42 -6.57
C PRO C 57 -3.88 7.01 -5.38
N THR C 58 -2.88 7.83 -5.71
CA THR C 58 -2.27 8.72 -4.69
C THR C 58 -1.75 9.97 -5.38
N TYR C 59 -2.23 11.13 -4.95
CA TYR C 59 -1.98 12.38 -5.64
C TYR C 59 -0.89 13.18 -4.94
N ALA C 60 -0.35 14.16 -5.65
CA ALA C 60 0.63 15.07 -5.09
C ALA C 60 -0.09 16.26 -4.45
N GLN C 61 0.65 17.32 -4.14
CA GLN C 61 0.09 18.44 -3.41
C GLN C 61 -0.87 19.26 -4.27
N GLY C 62 -0.37 19.80 -5.38
CA GLY C 62 -1.19 20.67 -6.20
C GLY C 62 -2.14 19.97 -7.16
N PHE C 63 -2.12 18.65 -7.21
CA PHE C 63 -2.89 17.89 -8.20
C PHE C 63 -3.93 17.01 -7.52
N THR C 64 -4.63 17.55 -6.54
CA THR C 64 -5.69 16.81 -5.84
C THR C 64 -7.03 17.52 -6.01
N GLY C 65 -8.09 16.74 -6.00
CA GLY C 65 -9.44 17.26 -6.07
C GLY C 65 -10.03 17.33 -7.46
N ARG C 66 -9.25 17.83 -8.42
CA ARG C 66 -9.69 17.92 -9.80
C ARG C 66 -9.21 16.75 -10.65
N PHE C 67 -7.97 16.34 -10.46
CA PHE C 67 -7.42 15.21 -11.20
C PHE C 67 -7.80 13.90 -10.51
N VAL C 68 -8.28 12.94 -11.30
CA VAL C 68 -8.59 11.62 -10.79
C VAL C 68 -7.99 10.59 -11.74
N PHE C 69 -7.37 9.56 -11.17
CA PHE C 69 -6.80 8.46 -11.94
C PHE C 69 -7.67 7.23 -11.76
N SER C 70 -7.80 6.42 -12.80
CA SER C 70 -8.62 5.23 -12.74
C SER C 70 -8.09 4.20 -13.74
N LEU C 71 -8.50 2.96 -13.55
CA LEU C 71 -8.13 1.88 -14.45
C LEU C 71 -9.33 1.48 -15.30
N ASP C 72 -9.05 0.72 -16.36
CA ASP C 72 -10.07 0.20 -17.26
C ASP C 72 -10.33 -1.24 -16.79
N THR C 73 -11.19 -1.99 -17.50
CA THR C 73 -11.57 -3.35 -17.10
C THR C 73 -10.36 -4.28 -17.05
N SER C 74 -9.48 -4.20 -18.04
CA SER C 74 -8.23 -4.92 -17.96
C SER C 74 -7.29 -4.24 -16.96
N ALA C 75 -6.29 -4.98 -16.51
CA ALA C 75 -5.32 -4.48 -15.55
C ALA C 75 -4.08 -3.90 -16.22
N ARG C 76 -4.24 -3.37 -17.43
CA ARG C 76 -3.13 -2.78 -18.17
C ARG C 76 -3.28 -1.28 -18.33
N THR C 77 -4.34 -0.82 -18.98
CA THR C 77 -4.43 0.59 -19.35
C THR C 77 -5.03 1.42 -18.23
N ALA C 78 -4.38 2.55 -17.94
CA ALA C 78 -4.79 3.45 -16.87
C ALA C 78 -5.29 4.76 -17.47
N TYR C 79 -6.29 5.35 -16.81
CA TYR C 79 -6.96 6.53 -17.33
C TYR C 79 -6.72 7.71 -16.40
N LEU C 80 -6.52 8.89 -17.00
CA LEU C 80 -6.48 10.15 -16.28
C LEU C 80 -7.66 10.99 -16.75
N GLN C 81 -8.40 11.54 -15.79
CA GLN C 81 -9.61 12.29 -16.08
C GLN C 81 -9.54 13.62 -15.34
N ILE C 82 -9.39 14.71 -16.10
CA ILE C 82 -9.34 16.05 -15.52
C ILE C 82 -10.77 16.59 -15.50
N SER C 83 -11.22 17.03 -14.34
CA SER C 83 -12.53 17.66 -14.18
C SER C 83 -12.35 19.15 -13.94
N SER C 84 -13.28 19.94 -14.50
CA SER C 84 -13.32 21.41 -14.41
C SER C 84 -12.04 22.03 -14.95
N LEU C 85 -11.86 21.86 -16.26
CA LEU C 85 -10.74 22.45 -16.99
C LEU C 85 -10.76 23.97 -16.88
N LYS C 86 -9.61 24.55 -16.56
CA LYS C 86 -9.47 25.99 -16.42
C LYS C 86 -8.63 26.55 -17.57
N ALA C 87 -8.44 27.86 -17.56
CA ALA C 87 -7.74 28.53 -18.66
C ALA C 87 -6.26 28.20 -18.66
N ASP C 88 -5.62 28.25 -17.50
CA ASP C 88 -4.20 27.94 -17.39
C ASP C 88 -4.01 26.47 -16.99
N ASP C 89 -4.43 25.59 -17.90
CA ASP C 89 -4.36 24.15 -17.65
C ASP C 89 -3.82 23.44 -18.88
N THR C 90 -3.61 24.15 -19.99
CA THR C 90 -3.02 23.61 -21.21
C THR C 90 -1.61 23.08 -20.92
N ALA C 91 -1.43 21.77 -21.14
CA ALA C 91 -0.24 21.09 -20.65
C ALA C 91 -0.06 19.79 -21.41
N VAL C 92 1.15 19.23 -21.30
CA VAL C 92 1.47 17.97 -21.94
C VAL C 92 1.55 16.87 -20.89
N PHE C 93 0.46 16.16 -20.68
CA PHE C 93 0.39 15.17 -19.61
C PHE C 93 1.10 13.90 -20.03
N TYR C 94 2.10 13.50 -19.25
CA TYR C 94 2.90 12.32 -19.55
C TYR C 94 2.48 11.16 -18.67
N CYS C 95 2.67 9.95 -19.18
CA CYS C 95 2.38 8.72 -18.47
C CYS C 95 3.67 7.95 -18.31
N ALA C 96 4.21 7.91 -17.10
CA ALA C 96 5.50 7.29 -16.84
C ALA C 96 5.31 6.06 -15.98
N ARG C 97 5.99 4.98 -16.35
CA ARG C 97 5.88 3.72 -15.62
C ARG C 97 7.27 3.21 -15.28
N GLU C 98 7.42 2.68 -14.07
CA GLU C 98 8.69 2.18 -13.59
C GLU C 98 9.05 0.87 -14.30
N ARG C 99 10.30 0.44 -14.09
CA ARG C 99 10.76 -0.82 -14.66
C ARG C 99 10.63 -1.97 -13.67
N ASP C 100 11.17 -1.81 -12.47
CA ASP C 100 11.11 -2.83 -11.43
C ASP C 100 10.32 -2.32 -10.23
N TYR C 101 9.97 -3.26 -9.35
CA TYR C 101 9.33 -2.89 -8.10
C TYR C 101 10.30 -2.15 -7.19
N SER C 102 9.75 -1.16 -6.46
CA SER C 102 10.49 -0.29 -5.53
C SER C 102 11.63 0.43 -6.23
N ASP C 103 11.41 0.79 -7.49
CA ASP C 103 12.33 1.59 -8.30
C ASP C 103 11.51 2.78 -8.77
N TYR C 104 11.56 3.88 -8.02
CA TYR C 104 10.67 5.00 -8.28
C TYR C 104 11.23 5.99 -9.29
N PHE C 105 12.22 5.59 -10.08
CA PHE C 105 12.58 6.31 -11.29
C PHE C 105 11.80 5.74 -12.46
N PHE C 106 11.61 6.56 -13.49
CA PHE C 106 10.66 6.25 -14.56
C PHE C 106 11.43 5.88 -15.82
N ASP C 107 11.56 4.58 -16.07
CA ASP C 107 12.31 4.15 -17.24
C ASP C 107 11.45 4.19 -18.49
N TYR C 108 10.19 3.76 -18.40
CA TYR C 108 9.28 3.68 -19.54
C TYR C 108 8.33 4.88 -19.50
N TRP C 109 8.51 5.81 -20.42
CA TRP C 109 7.66 6.98 -20.50
C TRP C 109 6.62 6.82 -21.58
N GLY C 110 5.58 7.65 -21.52
CA GLY C 110 4.57 7.71 -22.56
C GLY C 110 5.04 8.59 -23.70
N GLN C 111 4.15 8.76 -24.68
CA GLN C 111 4.42 9.65 -25.79
C GLN C 111 3.97 11.08 -25.51
N GLY C 112 3.14 11.29 -24.50
CA GLY C 112 2.70 12.62 -24.14
C GLY C 112 1.50 13.07 -24.96
N THR C 113 0.43 13.45 -24.27
CA THR C 113 -0.75 14.00 -24.93
C THR C 113 -0.97 15.42 -24.43
N LEU C 114 -1.56 16.25 -25.28
CA LEU C 114 -1.65 17.67 -25.04
C LEU C 114 -3.11 18.11 -25.03
N VAL C 115 -3.57 18.64 -23.92
CA VAL C 115 -4.85 19.30 -23.89
C VAL C 115 -4.62 20.75 -24.31
N THR C 116 -5.62 21.35 -24.95
CA THR C 116 -5.49 22.66 -25.57
C THR C 116 -6.72 23.51 -25.19
N VAL C 117 -6.95 23.62 -23.88
CA VAL C 117 -8.14 24.27 -23.34
C VAL C 117 -8.15 25.76 -23.69
N SER C 118 -9.08 26.14 -24.56
CA SER C 118 -9.22 27.51 -25.04
C SER C 118 -10.63 27.67 -25.60
N SER C 119 -10.87 28.80 -26.25
CA SER C 119 -12.17 29.06 -26.86
C SER C 119 -12.03 29.96 -28.08
N GLU D 1 8.06 18.57 1.01
CA GLU D 1 8.80 18.00 -0.12
C GLU D 1 10.24 18.48 -0.12
N VAL D 2 10.99 18.06 -1.13
CA VAL D 2 12.37 18.47 -1.32
C VAL D 2 12.41 19.30 -2.59
N VAL D 3 12.51 20.61 -2.45
CA VAL D 3 12.55 21.52 -3.59
C VAL D 3 13.94 21.42 -4.19
N MET D 4 14.03 20.92 -5.42
CA MET D 4 15.32 20.58 -6.02
C MET D 4 15.71 21.71 -6.97
N THR D 5 16.55 22.61 -6.50
CA THR D 5 17.00 23.73 -7.33
C THR D 5 18.13 23.27 -8.22
N GLN D 6 17.99 23.50 -9.52
CA GLN D 6 18.94 23.06 -10.52
C GLN D 6 19.64 24.28 -11.12
N SER D 7 20.97 24.22 -11.16
CA SER D 7 21.77 25.33 -11.66
C SER D 7 22.77 24.82 -12.68
N PRO D 8 23.07 25.60 -13.73
CA PRO D 8 22.53 26.93 -14.07
C PRO D 8 21.25 26.87 -14.88
N ALA D 9 20.77 28.02 -15.33
CA ALA D 9 19.53 28.06 -16.09
C ALA D 9 19.71 27.57 -17.51
N SER D 10 20.84 27.87 -18.13
CA SER D 10 21.08 27.49 -19.52
C SER D 10 22.58 27.34 -19.74
N LEU D 11 22.98 26.27 -20.43
CA LEU D 11 24.37 25.97 -20.68
C LEU D 11 24.67 26.04 -22.16
N SER D 12 25.74 26.75 -22.53
CA SER D 12 26.20 26.90 -23.90
C SER D 12 27.64 26.42 -23.95
N VAL D 13 27.83 25.13 -24.23
CA VAL D 13 29.16 24.51 -24.24
C VAL D 13 29.43 23.96 -25.63
N SER D 14 30.60 24.30 -26.17
CA SER D 14 30.96 23.92 -27.53
C SER D 14 31.38 22.44 -27.59
N PRO D 15 31.12 21.77 -28.70
CA PRO D 15 31.57 20.38 -28.84
C PRO D 15 33.06 20.28 -29.13
N GLY D 16 33.66 19.17 -28.72
CA GLY D 16 33.12 18.23 -27.75
C GLY D 16 33.68 18.43 -26.35
N GLU D 17 33.43 19.58 -25.74
CA GLU D 17 34.00 19.90 -24.45
C GLU D 17 33.14 19.33 -23.33
N ARG D 18 33.39 19.74 -22.09
CA ARG D 18 32.70 19.22 -20.92
C ARG D 18 31.63 20.20 -20.46
N ALA D 19 30.44 19.68 -20.18
CA ALA D 19 29.38 20.45 -19.55
C ALA D 19 29.07 19.82 -18.20
N THR D 20 29.01 20.65 -17.15
CA THR D 20 28.77 20.18 -15.80
C THR D 20 27.39 20.65 -15.36
N LEU D 21 26.50 19.70 -15.12
CA LEU D 21 25.18 19.97 -14.58
C LEU D 21 25.21 19.81 -13.07
N SER D 22 24.45 20.64 -12.39
CA SER D 22 24.38 20.59 -10.93
C SER D 22 22.93 20.62 -10.48
N CYS D 23 22.59 19.74 -9.54
CA CYS D 23 21.23 19.63 -9.03
C CYS D 23 21.30 19.51 -7.51
N ARG D 24 21.05 20.62 -6.82
CA ARG D 24 21.19 20.70 -5.38
C ARG D 24 19.83 20.59 -4.71
N ALA D 25 19.74 19.75 -3.69
CA ALA D 25 18.47 19.45 -3.03
C ALA D 25 18.17 20.50 -1.95
N ARG D 26 17.07 20.30 -1.24
CA ARG D 26 16.74 21.08 -0.04
C ARG D 26 16.32 20.11 1.06
N ALA D 27 17.13 19.08 1.26
CA ALA D 27 16.86 18.06 2.26
C ALA D 27 17.79 18.28 3.45
N SER D 28 17.22 18.26 4.66
CA SER D 28 18.03 18.43 5.85
C SER D 28 18.90 17.20 6.11
N LEU D 29 18.45 16.03 5.67
CA LEU D 29 19.19 14.79 5.85
C LEU D 29 19.75 14.24 4.54
N GLY D 30 19.54 14.92 3.43
CA GLY D 30 20.11 14.50 2.16
C GLY D 30 19.27 13.48 1.42
N ILE D 31 19.38 13.50 0.09
CA ILE D 31 18.71 12.51 -0.75
C ILE D 31 19.34 11.13 -0.55
N SER D 32 20.66 11.10 -0.34
CA SER D 32 21.44 9.88 -0.12
C SER D 32 21.34 8.92 -1.31
N THR D 33 21.95 9.35 -2.43
CA THR D 33 22.09 8.62 -3.72
C THR D 33 20.76 8.07 -4.24
N ASP D 34 19.70 8.88 -4.13
CA ASP D 34 18.40 8.53 -4.66
C ASP D 34 17.92 9.59 -5.63
N LEU D 35 18.78 10.02 -6.54
CA LEU D 35 18.43 10.97 -7.58
C LEU D 35 18.31 10.22 -8.90
N ALA D 36 17.51 10.77 -9.82
CA ALA D 36 17.44 10.23 -11.18
C ALA D 36 17.49 11.37 -12.17
N TRP D 37 18.29 11.20 -13.22
CA TRP D 37 18.53 12.23 -14.22
C TRP D 37 17.78 11.91 -15.51
N TYR D 38 17.02 12.87 -16.00
CA TYR D 38 16.28 12.72 -17.25
C TYR D 38 16.79 13.70 -18.29
N GLN D 39 16.48 13.41 -19.54
CA GLN D 39 16.91 14.24 -20.67
C GLN D 39 15.74 14.35 -21.62
N GLN D 40 15.24 15.56 -21.79
CA GLN D 40 14.09 15.80 -22.67
C GLN D 40 14.57 16.56 -23.89
N ARG D 41 14.72 15.86 -25.01
CA ARG D 41 14.92 16.53 -26.28
C ARG D 41 13.63 17.24 -26.67
N PRO D 42 13.73 18.43 -27.29
CA PRO D 42 12.50 19.18 -27.62
C PRO D 42 11.60 18.45 -28.60
N GLY D 43 10.29 18.56 -28.36
CA GLY D 43 9.31 17.83 -29.13
C GLY D 43 9.35 16.33 -28.92
N GLN D 44 9.76 15.90 -27.73
CA GLN D 44 9.98 14.48 -27.47
C GLN D 44 9.78 14.26 -25.97
N ALA D 45 9.53 12.99 -25.59
CA ALA D 45 9.35 12.53 -24.22
C ALA D 45 10.69 12.42 -23.51
N PRO D 46 10.71 12.60 -22.19
CA PRO D 46 11.97 12.45 -21.44
C PRO D 46 12.48 11.02 -21.46
N ARG D 47 13.80 10.88 -21.32
CA ARG D 47 14.49 9.61 -21.34
C ARG D 47 15.30 9.47 -20.07
N LEU D 48 15.18 8.31 -19.41
CA LEU D 48 15.91 8.09 -18.17
C LEU D 48 17.38 7.84 -18.49
N LEU D 49 18.24 8.70 -17.97
CA LEU D 49 19.68 8.60 -18.22
C LEU D 49 20.38 7.82 -17.12
N ILE D 50 20.30 8.31 -15.88
CA ILE D 50 21.02 7.75 -14.74
C ILE D 50 20.02 7.51 -13.63
N TYR D 51 19.94 6.27 -13.15
CA TYR D 51 19.14 5.92 -11.98
C TYR D 51 20.08 5.70 -10.81
N GLY D 52 19.76 6.28 -9.67
CA GLY D 52 20.77 6.46 -8.65
C GLY D 52 21.66 7.62 -9.02
N ALA D 53 22.68 7.82 -8.21
CA ALA D 53 23.58 8.93 -8.52
C ALA D 53 24.55 8.60 -9.65
N SER D 54 24.94 7.33 -9.79
CA SER D 54 26.05 6.98 -10.66
C SER D 54 25.67 6.07 -11.82
N THR D 55 25.01 4.94 -11.55
CA THR D 55 24.86 3.90 -12.56
C THR D 55 23.82 4.30 -13.60
N ARG D 56 24.10 3.98 -14.86
CA ARG D 56 23.30 4.44 -15.98
C ARG D 56 22.28 3.38 -16.40
N ALA D 57 21.24 3.83 -17.10
CA ALA D 57 20.24 2.94 -17.64
C ALA D 57 20.77 2.21 -18.87
N THR D 58 19.97 1.28 -19.38
CA THR D 58 20.39 0.50 -20.54
C THR D 58 20.36 1.32 -21.82
N GLY D 59 21.32 1.08 -22.69
CA GLY D 59 21.42 1.79 -23.95
C GLY D 59 22.04 3.17 -23.88
N ILE D 60 22.41 3.63 -22.69
CA ILE D 60 22.95 4.98 -22.51
C ILE D 60 24.42 4.94 -22.91
N PRO D 61 24.93 5.96 -23.63
CA PRO D 61 26.37 6.03 -23.89
C PRO D 61 27.15 6.26 -22.61
N ALA D 62 28.43 5.89 -22.64
CA ALA D 62 29.29 5.95 -21.47
C ALA D 62 29.69 7.37 -21.09
N ARG D 63 29.38 8.37 -21.92
CA ARG D 63 29.78 9.74 -21.66
C ARG D 63 28.89 10.45 -20.65
N PHE D 64 27.76 9.87 -20.26
CA PHE D 64 26.82 10.52 -19.35
C PHE D 64 27.07 10.06 -17.91
N SER D 65 28.27 10.35 -17.41
CA SER D 65 28.65 9.91 -16.08
C SER D 65 28.00 10.79 -15.02
N GLY D 66 27.39 10.17 -14.02
CA GLY D 66 26.78 10.86 -12.91
C GLY D 66 27.59 10.64 -11.65
N SER D 67 27.58 11.64 -10.77
CA SER D 67 28.36 11.58 -9.53
C SER D 67 27.71 12.48 -8.49
N GLY D 68 28.14 12.30 -7.25
CA GLY D 68 27.64 13.07 -6.14
C GLY D 68 26.85 12.20 -5.16
N SER D 69 26.66 12.74 -3.96
CA SER D 69 25.86 12.10 -2.93
C SER D 69 25.40 13.15 -1.95
N GLY D 70 24.41 12.77 -1.13
CA GLY D 70 23.92 13.67 -0.11
C GLY D 70 22.98 14.73 -0.65
N THR D 71 23.38 16.00 -0.55
CA THR D 71 22.54 17.11 -0.98
C THR D 71 23.14 17.87 -2.15
N GLU D 72 24.14 17.31 -2.82
CA GLU D 72 24.75 17.97 -3.98
C GLU D 72 25.18 16.88 -4.95
N PHE D 73 24.66 16.96 -6.17
CA PHE D 73 24.91 15.94 -7.19
C PHE D 73 25.42 16.62 -8.45
N THR D 74 25.93 15.83 -9.38
CA THR D 74 26.56 16.37 -10.58
C THR D 74 26.36 15.41 -11.74
N LEU D 75 25.94 15.94 -12.89
CA LEU D 75 25.96 15.23 -14.16
C LEU D 75 26.99 15.90 -15.06
N THR D 76 27.95 15.11 -15.54
CA THR D 76 29.01 15.58 -16.42
C THR D 76 28.80 15.01 -17.81
N ILE D 77 28.72 15.88 -18.80
CA ILE D 77 28.58 15.47 -20.20
C ILE D 77 29.93 15.69 -20.88
N SER D 78 30.62 14.60 -21.19
CA SER D 78 31.88 14.64 -21.93
C SER D 78 31.61 14.34 -23.39
N SER D 79 32.33 15.04 -24.27
CA SER D 79 32.15 14.99 -25.73
C SER D 79 30.70 15.29 -26.12
N LEU D 80 30.25 16.48 -25.72
CA LEU D 80 28.87 16.92 -25.87
C LEU D 80 28.57 17.09 -27.36
N GLN D 81 27.80 16.17 -27.92
CA GLN D 81 27.53 16.14 -29.35
C GLN D 81 26.35 17.05 -29.68
N SER D 82 26.00 17.09 -30.97
CA SER D 82 24.83 17.84 -31.43
C SER D 82 23.53 17.18 -30.99
N GLU D 83 23.54 15.88 -30.73
CA GLU D 83 22.35 15.14 -30.35
C GLU D 83 21.92 15.39 -28.92
N ASP D 84 22.76 16.04 -28.11
CA ASP D 84 22.49 16.20 -26.69
C ASP D 84 21.94 17.57 -26.34
N SER D 85 21.54 18.36 -27.33
CA SER D 85 20.96 19.68 -27.10
C SER D 85 19.55 19.51 -26.57
N ALA D 86 19.45 19.35 -25.25
CA ALA D 86 18.20 18.97 -24.61
C ALA D 86 18.12 19.56 -23.22
N VAL D 87 16.93 19.51 -22.65
CA VAL D 87 16.67 19.99 -21.29
C VAL D 87 16.81 18.82 -20.34
N TYR D 88 17.58 19.01 -19.26
CA TYR D 88 17.95 17.93 -18.36
C TYR D 88 17.32 18.17 -16.99
N TYR D 89 16.55 17.20 -16.52
CA TYR D 89 15.85 17.28 -15.25
C TYR D 89 16.44 16.28 -14.25
N CYS D 90 16.24 16.56 -12.97
CA CYS D 90 16.68 15.68 -11.90
C CYS D 90 15.51 15.42 -10.95
N GLN D 91 15.33 14.15 -10.59
CA GLN D 91 14.21 13.71 -9.78
C GLN D 91 14.70 13.03 -8.52
N GLN D 92 14.22 13.46 -7.36
CA GLN D 92 14.50 12.75 -6.11
C GLN D 92 13.41 11.71 -5.91
N TYR D 93 13.82 10.44 -5.91
CA TYR D 93 12.93 9.39 -5.45
C TYR D 93 13.28 9.00 -4.02
N SER D 94 13.27 10.02 -3.16
CA SER D 94 13.56 9.86 -1.74
C SER D 94 12.33 10.11 -0.89
N ASN D 95 11.70 11.27 -1.03
CA ASN D 95 10.47 11.58 -0.32
C ASN D 95 9.31 11.69 -1.29
N TRP D 96 8.14 11.28 -0.84
CA TRP D 96 7.06 10.85 -1.74
C TRP D 96 6.44 11.92 -2.64
N PRO D 97 6.48 13.21 -2.32
CA PRO D 97 6.31 14.16 -3.42
C PRO D 97 7.55 14.18 -4.28
N LEU D 98 7.63 13.27 -5.27
CA LEU D 98 8.84 13.08 -6.05
C LEU D 98 9.09 14.27 -6.96
N THR D 99 9.82 15.25 -6.47
CA THR D 99 9.95 16.53 -7.14
C THR D 99 10.98 16.45 -8.25
N PHE D 100 10.61 16.93 -9.43
CA PHE D 100 11.55 17.07 -10.53
C PHE D 100 12.32 18.38 -10.42
N GLY D 101 13.42 18.47 -11.16
CA GLY D 101 14.25 19.65 -11.14
C GLY D 101 13.72 20.75 -12.05
N GLY D 102 14.51 21.81 -12.16
CA GLY D 102 14.14 22.92 -13.00
C GLY D 102 14.36 22.63 -14.47
N GLY D 103 15.58 22.27 -14.83
CA GLY D 103 15.91 22.00 -16.21
C GLY D 103 16.94 22.94 -16.79
N THR D 104 18.12 22.42 -17.08
CA THR D 104 19.23 23.20 -17.63
C THR D 104 19.26 22.97 -19.13
N LYS D 105 18.76 23.94 -19.89
CA LYS D 105 18.62 23.80 -21.34
C LYS D 105 19.98 23.91 -21.99
N VAL D 106 20.59 22.76 -22.29
CA VAL D 106 21.93 22.72 -22.88
C VAL D 106 21.85 23.16 -24.33
N GLU D 107 22.71 24.10 -24.72
CA GLU D 107 22.74 24.62 -26.08
C GLU D 107 24.14 24.46 -26.65
N ILE D 108 24.20 24.12 -27.94
CA ILE D 108 25.47 23.93 -28.63
C ILE D 108 25.88 25.26 -29.27
N LYS D 109 27.11 25.69 -29.04
CA LYS D 109 27.67 26.82 -29.79
C LYS D 109 28.09 26.36 -31.18
N LEU E 1 11.64 23.98 12.01
CA LEU E 1 11.01 22.73 12.44
C LEU E 1 11.92 21.55 12.16
N CYS E 2 11.65 20.41 12.81
CA CYS E 2 12.31 19.18 12.41
C CYS E 2 11.80 18.75 11.06
N PRO E 3 12.62 18.10 10.26
CA PRO E 3 12.10 17.43 9.07
C PRO E 3 11.40 16.13 9.45
N PHE E 4 10.08 16.18 9.49
CA PHE E 4 9.25 14.99 9.67
C PHE E 4 8.59 14.59 8.37
N ASP E 5 8.72 15.42 7.33
CA ASP E 5 8.43 15.03 5.96
C ASP E 5 9.67 14.53 5.24
N GLU E 6 10.63 14.01 6.00
CA GLU E 6 11.79 13.31 5.45
C GLU E 6 12.11 12.01 6.17
N VAL E 7 11.37 11.66 7.21
CA VAL E 7 11.52 10.37 7.88
C VAL E 7 10.28 9.50 7.66
N PHE E 8 9.09 10.06 7.89
CA PHE E 8 7.87 9.27 7.88
C PHE E 8 7.37 8.96 6.47
N ASN E 9 7.82 9.70 5.46
CA ASN E 9 7.35 9.49 4.10
C ASN E 9 8.49 9.15 3.15
N ALA E 10 9.55 8.54 3.67
CA ALA E 10 10.65 8.12 2.83
C ALA E 10 10.22 6.97 1.94
N THR E 11 10.69 6.98 0.69
CA THR E 11 10.33 5.92 -0.22
C THR E 11 11.08 4.63 0.10
N ARG E 12 12.26 4.74 0.70
CA ARG E 12 13.10 3.60 1.01
C ARG E 12 13.13 3.40 2.53
N PHE E 13 12.23 2.56 3.03
CA PHE E 13 12.37 2.03 4.38
C PHE E 13 13.14 0.73 4.32
N ALA E 14 14.23 0.66 5.08
CA ALA E 14 15.09 -0.51 5.06
C ALA E 14 14.44 -1.68 5.76
N SER E 15 14.99 -2.86 5.55
CA SER E 15 14.53 -4.04 6.25
C SER E 15 14.93 -3.96 7.72
N VAL E 16 14.37 -4.85 8.54
CA VAL E 16 14.40 -4.68 9.99
C VAL E 16 15.80 -4.88 10.56
N TYR E 17 16.59 -5.82 10.01
CA TYR E 17 17.91 -6.08 10.59
C TYR E 17 18.92 -4.99 10.24
N ALA E 18 18.59 -4.10 9.32
CA ALA E 18 19.45 -3.02 8.87
C ALA E 18 18.72 -1.70 8.97
N TRP E 19 18.10 -1.47 10.13
CA TRP E 19 17.29 -0.29 10.41
C TRP E 19 18.11 0.99 10.29
N ASN E 20 17.55 1.97 9.57
CA ASN E 20 18.27 3.19 9.23
C ASN E 20 18.15 4.18 10.37
N ARG E 21 19.28 4.54 10.97
CA ARG E 21 19.29 5.48 12.08
C ARG E 21 19.52 6.88 11.55
N LYS E 22 18.64 7.81 11.93
CA LYS E 22 18.63 9.16 11.39
C LYS E 22 18.60 10.15 12.55
N ARG E 23 19.65 10.96 12.68
CA ARG E 23 19.76 11.90 13.78
C ARG E 23 19.14 13.22 13.38
N ILE E 24 18.23 13.72 14.21
CA ILE E 24 17.51 14.96 13.96
C ILE E 24 17.81 15.92 15.10
N SER E 25 18.22 17.14 14.76
CA SER E 25 18.55 18.15 15.77
C SER E 25 18.25 19.52 15.18
N ASN E 26 18.46 20.57 16.02
CA ASN E 26 18.26 21.98 15.68
C ASN E 26 16.85 22.26 15.18
N CYS E 27 15.86 22.14 16.06
CA CYS E 27 14.46 22.14 15.64
C CYS E 27 13.53 23.07 16.39
N VAL E 28 12.29 23.10 15.89
CA VAL E 28 11.09 23.28 16.69
C VAL E 28 10.23 22.06 16.40
N ALA E 29 10.33 21.04 17.27
CA ALA E 29 9.77 19.73 16.99
C ALA E 29 8.28 19.75 17.25
N ASP E 30 7.49 19.75 16.18
CA ASP E 30 6.03 19.75 16.28
C ASP E 30 5.52 18.38 15.87
N TYR E 31 4.94 17.66 16.84
CA TYR E 31 4.43 16.33 16.59
C TYR E 31 2.94 16.33 16.28
N SER E 32 2.35 17.50 16.10
CA SER E 32 0.96 17.61 15.65
C SER E 32 0.84 17.58 14.14
N VAL E 33 1.95 17.41 13.42
CA VAL E 33 1.93 17.31 11.96
C VAL E 33 1.60 15.88 11.52
N LEU E 34 1.61 14.93 12.44
CA LEU E 34 1.41 13.52 12.12
C LEU E 34 -0.06 13.12 12.01
N TYR E 35 -0.98 14.09 11.95
CA TYR E 35 -2.40 13.75 11.85
C TYR E 35 -2.75 13.19 10.48
N ASN E 36 -2.02 13.59 9.43
CA ASN E 36 -2.33 13.18 8.07
C ASN E 36 -1.53 11.97 7.63
N LEU E 37 -1.23 11.06 8.55
CA LEU E 37 -0.68 9.74 8.23
C LEU E 37 -1.84 8.80 7.90
N ALA E 38 -1.58 7.50 7.98
CA ALA E 38 -2.58 6.44 7.77
C ALA E 38 -3.73 6.60 8.76
N PRO E 39 -4.96 6.20 8.40
CA PRO E 39 -6.13 6.44 9.27
C PRO E 39 -6.03 5.86 10.67
N PHE E 40 -5.35 4.73 10.84
CA PHE E 40 -5.01 4.24 12.18
C PHE E 40 -3.52 3.98 12.23
N PHE E 41 -2.84 4.61 13.19
CA PHE E 41 -1.42 4.40 13.40
C PHE E 41 -1.16 4.48 14.89
N THR E 42 -0.32 3.58 15.38
CA THR E 42 -0.11 3.43 16.82
C THR E 42 0.99 4.38 17.27
N PHE E 43 0.61 5.40 18.02
CA PHE E 43 1.53 6.37 18.60
C PHE E 43 1.56 6.14 20.10
N LYS E 44 2.38 5.19 20.53
CA LYS E 44 2.53 4.85 21.93
C LYS E 44 3.95 5.19 22.37
N CYS E 45 4.07 5.83 23.55
CA CYS E 45 5.40 6.09 24.07
C CYS E 45 5.48 6.21 25.59
N TYR E 46 6.74 6.13 26.03
CA TYR E 46 7.19 5.56 27.28
C TYR E 46 8.29 6.46 27.84
N GLY E 47 8.19 6.82 29.11
CA GLY E 47 9.19 7.66 29.73
C GLY E 47 8.98 9.14 29.53
N VAL E 48 8.12 9.54 28.59
CA VAL E 48 7.70 10.92 28.44
C VAL E 48 6.18 10.94 28.46
N SER E 49 5.63 12.12 28.71
CA SER E 49 4.19 12.29 28.69
C SER E 49 3.73 12.62 27.28
N PRO E 50 2.85 11.82 26.67
CA PRO E 50 2.40 12.12 25.30
C PRO E 50 1.51 13.35 25.18
N THR E 51 1.11 13.96 26.29
CA THR E 51 0.47 15.28 26.27
C THR E 51 1.46 16.39 26.56
N LYS E 52 2.75 16.08 26.70
CA LYS E 52 3.74 17.07 27.12
C LYS E 52 5.05 16.93 26.36
N LEU E 53 5.10 16.11 25.30
CA LEU E 53 6.34 15.96 24.55
C LEU E 53 6.63 17.15 23.64
N ASN E 54 5.66 18.03 23.45
CA ASN E 54 5.87 19.27 22.69
C ASN E 54 6.44 20.38 23.53
N ASP E 55 6.63 20.17 24.84
CA ASP E 55 7.20 21.17 25.72
C ASP E 55 8.46 20.68 26.43
N LEU E 56 8.68 19.38 26.51
CA LEU E 56 9.90 18.82 27.09
C LEU E 56 10.82 18.44 25.95
N CYS E 57 12.08 18.86 26.03
CA CYS E 57 12.97 18.75 24.89
C CYS E 57 14.32 18.17 25.27
N PHE E 58 15.09 17.88 24.21
CA PHE E 58 16.11 16.85 24.23
C PHE E 58 17.28 17.31 23.39
N THR E 59 18.45 16.71 23.63
CA THR E 59 19.62 17.09 22.86
C THR E 59 19.63 16.50 21.46
N ASN E 60 18.92 15.40 21.24
CA ASN E 60 18.89 14.74 19.94
C ASN E 60 17.61 13.91 19.84
N VAL E 61 17.17 13.69 18.61
CA VAL E 61 16.04 12.82 18.32
C VAL E 61 16.52 11.82 17.26
N TYR E 62 16.69 10.57 17.67
CA TYR E 62 17.12 9.51 16.77
C TYR E 62 15.91 8.74 16.29
N ALA E 63 15.69 8.72 14.97
CA ALA E 63 14.56 8.03 14.37
C ALA E 63 15.07 6.82 13.61
N ASP E 64 14.57 5.64 13.96
CA ASP E 64 14.93 4.39 13.31
C ASP E 64 13.72 3.90 12.53
N SER E 65 13.92 3.53 11.27
CA SER E 65 12.82 3.21 10.37
C SER E 65 13.03 1.84 9.75
N PHE E 66 12.00 1.00 9.79
CA PHE E 66 12.08 -0.35 9.24
C PHE E 66 10.67 -0.85 8.95
N VAL E 67 10.60 -2.03 8.33
CA VAL E 67 9.35 -2.64 7.90
C VAL E 67 9.24 -4.02 8.51
N ILE E 68 8.15 -4.26 9.25
CA ILE E 68 7.86 -5.56 9.83
C ILE E 68 6.39 -5.88 9.58
N ARG E 69 6.03 -7.14 9.76
CA ARG E 69 4.64 -7.54 9.62
C ARG E 69 3.87 -7.16 10.87
N GLY E 70 2.54 -7.30 10.78
CA GLY E 70 1.68 -6.82 11.86
C GLY E 70 1.66 -7.72 13.08
N ASP E 71 1.98 -9.01 12.91
CA ASP E 71 1.99 -9.96 14.01
C ASP E 71 3.09 -9.68 15.03
N GLU E 72 4.13 -8.94 14.63
CA GLU E 72 5.27 -8.72 15.51
C GLU E 72 5.63 -7.24 15.63
N VAL E 73 4.65 -6.35 15.56
CA VAL E 73 4.86 -4.95 15.93
C VAL E 73 4.70 -4.77 17.44
N ARG E 74 4.17 -5.78 18.13
CA ARG E 74 4.09 -5.78 19.59
C ARG E 74 5.48 -5.78 20.21
N GLN E 75 6.42 -6.49 19.58
CA GLN E 75 7.78 -6.62 20.10
C GLN E 75 8.59 -5.32 20.04
N ILE E 76 8.10 -4.30 19.35
CA ILE E 76 8.81 -3.02 19.29
C ILE E 76 8.36 -2.24 20.51
N ALA E 77 8.96 -2.57 21.66
CA ALA E 77 8.68 -2.04 22.98
C ALA E 77 9.76 -2.56 23.93
N PRO E 78 10.10 -1.83 24.99
CA PRO E 78 11.01 -2.35 26.00
C PRO E 78 10.42 -3.53 26.75
N GLY E 79 11.28 -4.48 27.10
CA GLY E 79 10.87 -5.66 27.84
C GLY E 79 9.97 -6.59 27.06
N GLN E 80 10.28 -6.79 25.78
CA GLN E 80 9.54 -7.73 24.93
C GLN E 80 10.48 -8.79 24.39
N THR E 81 9.90 -9.95 24.09
CA THR E 81 10.64 -11.06 23.54
C THR E 81 9.97 -11.54 22.27
N GLY E 82 10.78 -12.05 21.35
CA GLY E 82 10.30 -12.49 20.07
C GLY E 82 11.48 -12.61 19.11
N ASN E 83 11.14 -12.70 17.83
CA ASN E 83 12.18 -12.75 16.81
C ASN E 83 12.84 -11.39 16.64
N ILE E 84 12.02 -10.33 16.55
CA ILE E 84 12.55 -8.99 16.25
C ILE E 84 13.24 -8.41 17.47
N ALA E 85 12.57 -8.43 18.63
CA ALA E 85 13.10 -7.78 19.82
C ALA E 85 14.29 -8.50 20.43
N ASP E 86 14.59 -9.72 20.00
CA ASP E 86 15.79 -10.39 20.45
C ASP E 86 16.88 -10.44 19.38
N TYR E 87 16.51 -10.68 18.12
CA TYR E 87 17.50 -10.95 17.09
C TYR E 87 17.67 -9.84 16.06
N ASN E 88 16.71 -8.93 15.93
CA ASN E 88 16.75 -7.91 14.89
C ASN E 88 16.87 -6.49 15.43
N TYR E 89 15.96 -6.07 16.31
CA TYR E 89 15.97 -4.70 16.80
C TYR E 89 15.44 -4.69 18.23
N LYS E 90 16.31 -4.41 19.20
CA LYS E 90 15.94 -4.40 20.60
C LYS E 90 15.96 -2.98 21.14
N LEU E 91 14.89 -2.59 21.82
CA LEU E 91 14.79 -1.32 22.53
C LEU E 91 15.27 -1.50 23.96
N PRO E 92 15.97 -0.53 24.53
CA PRO E 92 16.39 -0.65 25.93
C PRO E 92 15.21 -0.44 26.87
N ASP E 93 15.36 -0.97 28.09
CA ASP E 93 14.35 -0.78 29.11
C ASP E 93 14.35 0.64 29.69
N ASP E 94 15.38 1.43 29.39
CA ASP E 94 15.45 2.83 29.80
C ASP E 94 15.01 3.77 28.68
N PHE E 95 14.04 3.33 27.88
CA PHE E 95 13.69 4.03 26.64
C PHE E 95 12.92 5.32 26.92
N THR E 96 13.26 6.37 26.18
CA THR E 96 12.68 7.69 26.37
C THR E 96 12.32 8.28 25.00
N GLY E 97 11.59 7.50 24.19
CA GLY E 97 11.23 7.96 22.86
C GLY E 97 9.92 7.36 22.39
N CYS E 98 9.51 7.61 21.14
CA CYS E 98 8.18 7.19 20.71
C CYS E 98 8.21 6.25 19.52
N VAL E 99 7.29 5.28 19.56
CA VAL E 99 7.18 4.18 18.62
C VAL E 99 5.96 4.43 17.76
N ILE E 100 6.16 4.69 16.47
CA ILE E 100 5.09 5.02 15.54
C ILE E 100 5.06 3.97 14.45
N ALA E 101 3.88 3.41 14.18
CA ALA E 101 3.75 2.32 13.23
C ALA E 101 2.41 2.41 12.51
N TRP E 102 2.44 2.29 11.19
CA TRP E 102 1.22 2.36 10.40
C TRP E 102 1.25 1.28 9.33
N ASN E 103 0.07 0.89 8.87
CA ASN E 103 -0.04 -0.13 7.84
C ASN E 103 0.37 0.44 6.49
N SER E 104 1.14 -0.33 5.74
CA SER E 104 1.64 0.08 4.43
C SER E 104 1.33 -0.98 3.39
N ASN E 105 0.06 -1.40 3.35
CA ASN E 105 -0.37 -2.36 2.35
C ASN E 105 -0.35 -1.78 0.94
N LYS E 106 -0.49 -0.46 0.82
CA LYS E 106 -0.46 0.17 -0.49
C LYS E 106 0.94 0.18 -1.08
N LEU E 107 1.95 0.45 -0.25
CA LEU E 107 3.29 0.72 -0.75
C LEU E 107 4.16 -0.52 -0.85
N ASP E 108 3.98 -1.49 0.04
CA ASP E 108 4.97 -2.56 0.23
C ASP E 108 4.44 -3.95 -0.10
N SER E 109 3.32 -4.08 -0.80
CA SER E 109 2.73 -5.39 -1.07
C SER E 109 2.43 -5.54 -2.55
N LYS E 110 3.02 -6.57 -3.16
CA LYS E 110 2.78 -6.91 -4.55
C LYS E 110 1.97 -8.21 -4.59
N VAL E 111 1.10 -8.34 -5.60
CA VAL E 111 0.29 -9.55 -5.75
C VAL E 111 1.15 -10.78 -6.01
N SER E 112 2.33 -10.59 -6.61
CA SER E 112 3.26 -11.70 -6.78
C SER E 112 3.97 -12.04 -5.47
N GLY E 113 4.17 -11.07 -4.60
CA GLY E 113 4.87 -11.28 -3.34
C GLY E 113 6.08 -10.37 -3.27
N ASN E 114 6.15 -9.58 -2.21
CA ASN E 114 7.23 -8.63 -1.99
C ASN E 114 8.29 -9.30 -1.12
N TYR E 115 9.43 -9.64 -1.72
CA TYR E 115 10.50 -10.34 -1.03
C TYR E 115 11.65 -9.44 -0.62
N ASN E 116 11.50 -8.13 -0.78
CA ASN E 116 12.61 -7.21 -0.54
C ASN E 116 12.88 -6.97 0.94
N TYR E 117 11.98 -7.37 1.83
CA TYR E 117 12.11 -7.12 3.26
C TYR E 117 12.49 -8.43 3.95
N LEU E 118 13.63 -8.42 4.64
CA LEU E 118 14.18 -9.61 5.26
C LEU E 118 14.30 -9.41 6.76
N TYR E 119 14.22 -10.51 7.51
CA TYR E 119 14.37 -10.48 8.96
C TYR E 119 15.35 -11.56 9.38
N ARG E 120 16.06 -11.30 10.47
CA ARG E 120 17.03 -12.25 11.00
C ARG E 120 16.31 -13.31 11.81
N LEU E 121 16.64 -14.57 11.57
CA LEU E 121 15.95 -15.69 12.17
C LEU E 121 16.78 -16.48 13.16
N PHE E 122 18.06 -16.69 12.89
CA PHE E 122 18.96 -17.45 13.76
C PHE E 122 20.25 -16.68 13.91
N ARG E 123 20.68 -16.41 15.16
CA ARG E 123 21.92 -15.66 15.32
C ARG E 123 22.79 -16.11 16.50
N LYS E 124 22.54 -17.28 17.09
CA LYS E 124 23.32 -17.94 18.15
C LYS E 124 23.29 -17.23 19.51
N SER E 125 22.68 -16.04 19.62
CA SER E 125 22.67 -15.27 20.85
C SER E 125 21.55 -14.25 20.77
N ASN E 126 21.57 -13.29 21.69
CA ASN E 126 20.63 -12.18 21.68
C ASN E 126 21.36 -10.90 21.25
N LEU E 127 20.59 -9.83 21.13
CA LEU E 127 21.12 -8.53 20.76
C LEU E 127 21.07 -7.59 21.95
N LYS E 128 22.17 -6.90 22.21
CA LYS E 128 22.16 -5.78 23.12
C LYS E 128 21.31 -4.65 22.53
N PRO E 129 20.70 -3.82 23.38
CA PRO E 129 19.81 -2.76 22.87
C PRO E 129 20.53 -1.74 21.99
N PHE E 130 19.80 -1.29 20.95
CA PHE E 130 20.27 -0.35 19.93
C PHE E 130 21.54 -0.84 19.23
N GLU E 131 21.61 -2.14 18.97
CA GLU E 131 22.71 -2.76 18.25
C GLU E 131 22.15 -3.52 17.05
N ARG E 132 22.74 -3.30 15.88
CA ARG E 132 22.31 -3.97 14.66
C ARG E 132 23.34 -5.00 14.23
N ASP E 133 22.93 -5.87 13.32
CA ASP E 133 23.82 -6.86 12.74
C ASP E 133 23.44 -7.10 11.29
N ILE E 134 24.29 -6.63 10.38
CA ILE E 134 24.12 -6.82 8.95
C ILE E 134 24.84 -8.09 8.49
N SER E 135 25.38 -8.86 9.44
CA SER E 135 26.18 -10.03 9.14
C SER E 135 25.35 -11.15 8.50
N THR E 136 25.90 -11.74 7.45
CA THR E 136 25.26 -12.83 6.73
C THR E 136 26.06 -14.12 6.84
N GLU E 137 26.76 -14.30 7.96
CA GLU E 137 27.45 -15.55 8.21
C GLU E 137 26.45 -16.68 8.42
N ILE E 138 26.78 -17.85 7.88
CA ILE E 138 25.87 -18.99 7.90
C ILE E 138 25.77 -19.53 9.32
N TYR E 139 24.54 -19.74 9.78
CA TYR E 139 24.28 -20.10 11.17
C TYR E 139 24.70 -21.54 11.45
N GLN E 140 25.29 -21.75 12.63
CA GLN E 140 25.89 -23.02 12.99
C GLN E 140 25.29 -23.50 14.30
N ALA E 141 24.49 -24.56 14.22
CA ALA E 141 23.98 -25.23 15.41
C ALA E 141 24.37 -26.69 15.47
N GLY E 142 24.38 -27.38 14.34
CA GLY E 142 24.83 -28.76 14.30
C GLY E 142 26.33 -28.86 14.41
N ASN E 143 26.80 -30.09 14.60
CA ASN E 143 28.23 -30.35 14.81
C ASN E 143 28.94 -30.65 13.49
N LYS E 144 28.76 -29.77 12.51
CA LYS E 144 29.41 -29.90 11.21
C LYS E 144 30.06 -28.56 10.86
N PRO E 145 31.33 -28.56 10.43
CA PRO E 145 31.96 -27.32 9.92
C PRO E 145 31.78 -27.17 8.41
N CYS E 146 30.53 -27.19 7.97
CA CYS E 146 30.17 -27.14 6.55
C CYS E 146 29.64 -25.77 6.15
N ASN E 147 30.27 -24.69 6.63
CA ASN E 147 29.73 -23.33 6.52
C ASN E 147 29.59 -22.83 5.09
N GLY E 148 30.24 -23.46 4.11
CA GLY E 148 30.10 -23.00 2.74
C GLY E 148 28.78 -23.38 2.09
N VAL E 149 28.07 -24.34 2.66
CA VAL E 149 26.87 -24.90 2.04
C VAL E 149 25.80 -25.06 3.12
N ALA E 150 24.54 -25.10 2.70
CA ALA E 150 23.46 -25.41 3.63
C ALA E 150 23.52 -26.88 4.04
N GLY E 151 23.00 -27.17 5.23
CA GLY E 151 23.04 -28.52 5.75
C GLY E 151 21.80 -28.91 6.54
N PHE E 152 21.92 -29.94 7.38
CA PHE E 152 20.80 -30.35 8.22
C PHE E 152 20.50 -29.30 9.28
N ASN E 153 21.53 -28.77 9.93
CA ASN E 153 21.38 -27.78 10.98
C ASN E 153 22.30 -26.59 10.72
N CYS E 154 22.40 -26.19 9.46
CA CYS E 154 23.17 -25.03 9.05
C CYS E 154 22.34 -24.22 8.08
N TYR E 155 21.87 -23.05 8.53
CA TYR E 155 20.91 -22.25 7.77
C TYR E 155 21.47 -20.87 7.50
N PHE E 156 20.99 -20.26 6.43
CA PHE E 156 21.26 -18.85 6.18
C PHE E 156 20.35 -18.03 7.09
N PRO E 157 20.88 -17.07 7.85
CA PRO E 157 20.09 -16.45 8.93
C PRO E 157 18.94 -15.57 8.46
N LEU E 158 19.10 -14.86 7.35
CA LEU E 158 18.07 -13.94 6.90
C LEU E 158 16.97 -14.69 6.16
N ARG E 159 15.72 -14.36 6.45
CA ARG E 159 14.57 -14.96 5.79
C ARG E 159 13.62 -13.84 5.37
N SER E 160 12.77 -14.13 4.40
CA SER E 160 11.97 -13.11 3.73
C SER E 160 10.54 -13.10 4.26
N TYR E 161 9.95 -11.90 4.32
CA TYR E 161 8.62 -11.73 4.88
C TYR E 161 7.51 -12.23 3.96
N SER E 162 7.68 -12.11 2.63
CA SER E 162 6.71 -12.51 1.61
C SER E 162 5.36 -11.80 1.79
N PHE E 163 5.41 -10.48 1.62
CA PHE E 163 4.22 -9.65 1.73
C PHE E 163 3.33 -9.80 0.52
N ARG E 164 2.05 -10.09 0.75
CA ARG E 164 1.05 -10.27 -0.28
C ARG E 164 -0.21 -9.51 0.14
N PRO E 165 -1.07 -9.14 -0.80
CA PRO E 165 -2.34 -8.50 -0.44
C PRO E 165 -3.44 -9.49 -0.05
N THR E 166 -3.17 -10.79 -0.04
CA THR E 166 -4.15 -11.80 0.32
C THR E 166 -3.90 -12.34 1.72
N TYR E 167 -3.31 -11.53 2.60
CA TYR E 167 -2.86 -12.00 3.90
C TYR E 167 -3.55 -11.21 5.02
N GLY E 168 -3.45 -11.76 6.22
CA GLY E 168 -4.11 -11.18 7.36
C GLY E 168 -3.47 -9.88 7.81
N VAL E 169 -4.09 -9.27 8.83
CA VAL E 169 -3.56 -8.03 9.40
C VAL E 169 -2.24 -8.31 10.11
N GLY E 170 -2.06 -9.53 10.60
CA GLY E 170 -0.78 -9.90 11.17
C GLY E 170 0.36 -10.02 10.18
N HIS E 171 0.05 -10.22 8.89
CA HIS E 171 1.06 -10.39 7.87
C HIS E 171 1.15 -9.22 6.90
N GLN E 172 0.37 -8.18 7.11
CA GLN E 172 0.45 -6.99 6.29
C GLN E 172 1.68 -6.16 6.69
N PRO E 173 2.30 -5.46 5.73
CA PRO E 173 3.53 -4.72 6.06
C PRO E 173 3.22 -3.50 6.89
N TYR E 174 3.83 -3.41 8.07
CA TYR E 174 3.64 -2.28 8.96
C TYR E 174 4.95 -1.51 9.02
N ARG E 175 4.99 -0.36 8.37
CA ARG E 175 6.16 0.50 8.43
C ARG E 175 6.25 1.12 9.81
N VAL E 176 7.42 1.03 10.43
CA VAL E 176 7.63 1.44 11.81
C VAL E 176 8.69 2.51 11.84
N VAL E 177 8.41 3.61 12.54
CA VAL E 177 9.40 4.65 12.83
C VAL E 177 9.44 4.82 14.34
N VAL E 178 10.59 4.58 14.94
CA VAL E 178 10.76 4.69 16.39
C VAL E 178 11.67 5.87 16.70
N LEU E 179 11.07 6.98 17.11
CA LEU E 179 11.83 8.10 17.62
C LEU E 179 12.43 7.71 18.96
N SER E 180 13.68 8.12 19.18
CA SER E 180 14.42 7.77 20.40
C SER E 180 15.09 9.04 20.90
N PHE E 181 14.39 9.79 21.75
CA PHE E 181 14.92 11.04 22.27
C PHE E 181 16.00 10.76 23.30
N GLU E 182 16.99 11.65 23.38
CA GLU E 182 17.99 11.55 24.42
C GLU E 182 18.26 12.92 25.04
N LEU E 183 18.46 12.94 26.35
CA LEU E 183 18.74 14.15 27.09
C LEU E 183 20.13 14.04 27.69
N LEU E 184 20.97 15.04 27.43
CA LEU E 184 22.37 15.00 27.81
C LEU E 184 22.76 16.36 28.37
N HIS E 185 24.07 16.57 28.54
CA HIS E 185 24.59 17.80 29.12
C HIS E 185 24.56 18.96 28.13
N ALA E 186 24.41 18.69 26.84
CA ALA E 186 24.39 19.74 25.83
C ALA E 186 23.08 20.53 25.90
N PRO E 187 23.07 21.76 25.36
CA PRO E 187 21.79 22.44 25.15
C PRO E 187 20.91 21.68 24.17
N ALA E 188 19.60 21.78 24.39
CA ALA E 188 18.65 20.91 23.71
C ALA E 188 18.41 21.32 22.26
N THR E 189 17.85 22.53 22.07
CA THR E 189 17.54 23.11 20.75
C THR E 189 16.65 22.21 19.90
N VAL E 190 15.63 21.61 20.52
CA VAL E 190 14.68 20.78 19.79
C VAL E 190 13.26 21.29 20.08
N CYS E 191 13.04 21.86 21.26
CA CYS E 191 11.71 22.26 21.67
C CYS E 191 11.32 23.64 21.17
N GLY E 192 10.02 23.87 21.11
CA GLY E 192 9.47 25.14 20.73
C GLY E 192 7.95 25.06 20.72
N LYS E 193 7.33 26.23 20.82
CA LYS E 193 5.88 26.33 20.86
C LYS E 193 5.26 25.99 19.50
#